data_2VBF
#
_entry.id   2VBF
#
_cell.length_a   65.603
_cell.length_b   108.421
_cell.length_c   146.593
_cell.angle_alpha   90.00
_cell.angle_beta   90.00
_cell.angle_gamma   90.00
#
_symmetry.space_group_name_H-M   'P 21 21 21'
#
loop_
_entity.id
_entity.type
_entity.pdbx_description
1 polymer 'BRANCHED-CHAIN ALPHA-KETOACID DECARBOXYLASE'
2 non-polymer 'MAGNESIUM ION'
3 non-polymer 'THIAMINE DIPHOSPHATE'
4 water water
#
_entity_poly.entity_id   1
_entity_poly.type   'polypeptide(L)'
_entity_poly.pdbx_seq_one_letter_code
;MGSSHHHHHHSSGLVPRGSHMASMYTVGDYLLDRLHELGIEEIFGVPGDYNLQFLDQIISREDMKWIGNANELNASYMAD
GYARTKKAAAFLTTFGVGELSAINGLAGSYAENLPVVEIVGSPTSKVQNDGKFVHHTLADGDFKHFMKMHEPVTAARTLL
TAENATYEIDRVLSQLLKERKPVYINLPVDVAAAKAEKPALSLEKESSTTNTTEQVILSKIEESLKNAQKPVVIAGHEVI
SFGLEKTVTQFVSETKLPITTLNFGKSAVDESLPSFLGIYNGKLSEISLKNFVESADFILMLGVKLTDSSTGAFTHHLDE
NKMISLNIDEGIIFNKVVEDFDFRAVVSSLSELKGIEYEGQYIDKQYEEFIPSSAPLSQDRLWQAVESLTQSNETIVAEQ
GTSFFGASTIFLKSNSRFIGQPLWGSIGYTFPAALGSQIADKESRHLLFIGDGSLQLTVQELGLSIREKLNPICFIINND
GYTVEREIHGPTQSYNDIPMWNYSKLPETFGATEDRVVSKIVRTENEFVSVMKEAQADVNRMYWIELVLEKEDAPKLLKK
MGKLFAEQNK
;
_entity_poly.pdbx_strand_id   A,B
#
loop_
_chem_comp.id
_chem_comp.type
_chem_comp.name
_chem_comp.formula
MG non-polymer 'MAGNESIUM ION' 'Mg 2'
TPP non-polymer 'THIAMINE DIPHOSPHATE' 'C12 H19 N4 O7 P2 S 1'
#
# COMPACT_ATOMS: atom_id res chain seq x y z
N HIS A 10 -28.79 -4.48 -31.78
CA HIS A 10 -28.07 -3.21 -32.17
C HIS A 10 -29.04 -2.04 -32.29
N SER A 11 -28.57 -0.84 -31.89
CA SER A 11 -29.37 0.40 -31.98
C SER A 11 -29.92 0.61 -33.40
N SER A 12 -29.10 0.31 -34.39
CA SER A 12 -29.48 0.48 -35.80
C SER A 12 -30.60 -0.46 -36.23
N GLY A 13 -30.84 -1.51 -35.46
CA GLY A 13 -31.83 -2.53 -35.82
C GLY A 13 -31.31 -3.61 -36.73
N LEU A 14 -30.00 -3.62 -36.99
CA LEU A 14 -29.40 -4.71 -37.76
C LEU A 14 -29.19 -5.93 -36.87
N MET A 24 -18.91 -18.48 -26.63
CA MET A 24 -19.49 -19.03 -25.37
C MET A 24 -19.54 -17.92 -24.30
N TYR A 25 -20.70 -17.78 -23.65
CA TYR A 25 -20.88 -16.88 -22.50
C TYR A 25 -20.20 -17.49 -21.29
N THR A 26 -19.47 -16.68 -20.53
CA THR A 26 -18.59 -17.15 -19.47
C THR A 26 -18.88 -16.50 -18.13
N VAL A 27 -18.26 -17.04 -17.09
CA VAL A 27 -18.33 -16.46 -15.74
C VAL A 27 -17.82 -15.00 -15.76
N GLY A 28 -16.74 -14.75 -16.50
CA GLY A 28 -16.24 -13.38 -16.70
C GLY A 28 -17.29 -12.43 -17.24
N ASP A 29 -18.01 -12.88 -18.28
CA ASP A 29 -19.11 -12.10 -18.85
C ASP A 29 -20.22 -11.86 -17.83
N TYR A 30 -20.55 -12.89 -17.05
CA TYR A 30 -21.59 -12.79 -16.02
C TYR A 30 -21.25 -11.70 -14.99
N LEU A 31 -20.02 -11.76 -14.50
CA LEU A 31 -19.51 -10.77 -13.54
C LEU A 31 -19.57 -9.36 -14.11
N LEU A 32 -19.08 -9.20 -15.35
CA LEU A 32 -19.05 -7.89 -15.97
C LEU A 32 -20.48 -7.37 -16.25
N ASP A 33 -21.39 -8.27 -16.62
CA ASP A 33 -22.79 -7.90 -16.80
C ASP A 33 -23.38 -7.36 -15.49
N ARG A 34 -23.11 -8.05 -14.38
CA ARG A 34 -23.61 -7.63 -13.07
C ARG A 34 -23.01 -6.28 -12.65
N LEU A 35 -21.71 -6.09 -12.89
CA LEU A 35 -21.07 -4.80 -12.62
C LEU A 35 -21.71 -3.68 -13.43
N HIS A 36 -21.98 -3.94 -14.71
CA HIS A 36 -22.71 -2.99 -15.54
C HIS A 36 -24.08 -2.62 -14.94
N GLU A 37 -24.81 -3.62 -14.45
CA GLU A 37 -26.10 -3.39 -13.82
C GLU A 37 -26.01 -2.45 -12.63
N LEU A 38 -24.89 -2.54 -11.91
CA LEU A 38 -24.62 -1.66 -10.76
C LEU A 38 -24.25 -0.22 -11.16
N GLY A 39 -24.11 0.04 -12.46
CA GLY A 39 -23.79 1.37 -12.97
C GLY A 39 -22.31 1.65 -13.14
N ILE A 40 -21.48 0.62 -12.98
CA ILE A 40 -20.04 0.74 -13.12
C ILE A 40 -19.68 0.74 -14.61
N GLU A 41 -18.95 1.79 -15.02
CA GLU A 41 -18.55 1.99 -16.40
C GLU A 41 -17.04 1.98 -16.61
N GLU A 42 -16.31 1.88 -15.49
CA GLU A 42 -14.85 1.91 -15.49
C GLU A 42 -14.38 0.97 -14.39
N ILE A 43 -13.31 0.21 -14.66
CA ILE A 43 -12.69 -0.67 -13.66
C ILE A 43 -11.24 -0.27 -13.49
N PHE A 44 -10.83 -0.09 -12.25
CA PHE A 44 -9.45 0.28 -11.93
C PHE A 44 -8.61 -0.93 -11.56
N GLY A 45 -7.31 -0.71 -11.39
CA GLY A 45 -6.42 -1.73 -10.87
C GLY A 45 -5.10 -1.89 -11.57
N VAL A 46 -4.50 -3.06 -11.38
CA VAL A 46 -3.18 -3.35 -11.92
C VAL A 46 -3.14 -4.78 -12.41
N PRO A 47 -2.62 -4.99 -13.65
CA PRO A 47 -2.54 -6.34 -14.16
C PRO A 47 -1.55 -7.27 -13.43
N GLY A 48 -1.80 -8.58 -13.55
CA GLY A 48 -0.85 -9.59 -13.17
C GLY A 48 -1.21 -10.86 -13.91
N ASP A 49 -0.28 -11.81 -13.99
CA ASP A 49 -0.54 -13.01 -14.79
C ASP A 49 -1.82 -13.74 -14.38
N TYR A 50 -2.19 -13.65 -13.09
CA TYR A 50 -3.40 -14.30 -12.58
C TYR A 50 -4.70 -13.56 -12.95
N ASN A 51 -4.62 -12.42 -13.64
CA ASN A 51 -5.85 -11.75 -14.08
C ASN A 51 -5.91 -11.30 -15.54
N LEU A 52 -4.92 -11.68 -16.36
CA LEU A 52 -4.83 -11.14 -17.72
C LEU A 52 -5.96 -11.62 -18.63
N GLN A 53 -6.37 -12.88 -18.49
CA GLN A 53 -7.46 -13.42 -19.31
CA GLN A 53 -7.47 -13.41 -19.32
C GLN A 53 -8.77 -12.68 -19.02
N PHE A 54 -9.06 -12.45 -17.74
CA PHE A 54 -10.23 -11.68 -17.36
C PHE A 54 -10.09 -10.23 -17.86
N LEU A 55 -8.89 -9.67 -17.77
CA LEU A 55 -8.62 -8.34 -18.32
C LEU A 55 -9.01 -8.23 -19.79
N ASP A 56 -8.70 -9.26 -20.58
CA ASP A 56 -9.07 -9.28 -22.00
C ASP A 56 -10.58 -9.05 -22.13
N GLN A 57 -11.34 -9.65 -21.23
CA GLN A 57 -12.81 -9.54 -21.26
C GLN A 57 -13.27 -8.14 -20.96
N ILE A 58 -12.57 -7.47 -20.04
CA ILE A 58 -12.86 -6.07 -19.71
C ILE A 58 -12.57 -5.19 -20.91
N ILE A 59 -11.43 -5.42 -21.56
CA ILE A 59 -11.02 -4.62 -22.72
C ILE A 59 -12.05 -4.77 -23.85
N SER A 60 -12.56 -5.99 -24.01
CA SER A 60 -13.51 -6.28 -25.10
C SER A 60 -14.90 -5.67 -24.91
N ARG A 61 -15.26 -5.30 -23.68
CA ARG A 61 -16.58 -4.70 -23.41
C ARG A 61 -16.75 -3.37 -24.13
N GLU A 62 -17.90 -3.12 -24.74
CA GLU A 62 -18.14 -1.77 -25.30
C GLU A 62 -18.55 -0.78 -24.23
N ASP A 63 -19.07 -1.28 -23.11
CA ASP A 63 -19.74 -0.45 -22.11
C ASP A 63 -18.92 -0.27 -20.83
N MET A 64 -17.66 -0.68 -20.89
CA MET A 64 -16.78 -0.71 -19.71
CA MET A 64 -16.79 -0.69 -19.73
C MET A 64 -15.35 -0.41 -20.15
N LYS A 65 -14.66 0.47 -19.41
CA LYS A 65 -13.29 0.81 -19.74
C LYS A 65 -12.35 0.38 -18.62
N TRP A 66 -11.24 -0.26 -19.00
CA TRP A 66 -10.12 -0.50 -18.10
C TRP A 66 -9.35 0.82 -17.92
N ILE A 67 -9.14 1.21 -16.67
CA ILE A 67 -8.30 2.36 -16.35
C ILE A 67 -7.22 1.87 -15.39
N GLY A 68 -6.05 1.54 -15.96
CA GLY A 68 -4.98 0.93 -15.18
C GLY A 68 -4.29 1.97 -14.34
N ASN A 69 -4.00 1.62 -13.08
CA ASN A 69 -3.28 2.48 -12.14
C ASN A 69 -1.79 2.14 -12.09
N ALA A 70 -0.99 3.05 -11.52
CA ALA A 70 0.44 2.79 -11.30
C ALA A 70 0.62 1.73 -10.19
N ASN A 71 -0.13 1.85 -9.09
CA ASN A 71 -0.11 0.84 -8.04
C ASN A 71 -1.50 0.51 -7.48
N GLU A 72 -1.55 -0.60 -6.73
CA GLU A 72 -2.83 -1.11 -6.22
C GLU A 72 -3.45 -0.31 -5.08
N LEU A 73 -2.61 0.24 -4.18
CA LEU A 73 -3.16 1.09 -3.14
C LEU A 73 -3.91 2.25 -3.79
N ASN A 74 -3.29 2.87 -4.78
CA ASN A 74 -3.90 3.98 -5.48
C ASN A 74 -5.19 3.56 -6.18
N ALA A 75 -5.19 2.37 -6.78
CA ALA A 75 -6.38 1.79 -7.43
C ALA A 75 -7.54 1.70 -6.45
N SER A 76 -7.25 1.24 -5.23
CA SER A 76 -8.27 1.09 -4.20
C SER A 76 -8.84 2.45 -3.76
N TYR A 77 -7.96 3.43 -3.60
CA TYR A 77 -8.37 4.79 -3.30
C TYR A 77 -9.23 5.37 -4.42
N MET A 78 -8.80 5.12 -5.65
CA MET A 78 -9.51 5.64 -6.83
C MET A 78 -10.91 5.06 -6.94
N ALA A 79 -11.01 3.74 -6.73
CA ALA A 79 -12.31 3.05 -6.72
C ALA A 79 -13.25 3.60 -5.63
N ASP A 80 -12.68 3.90 -4.46
CA ASP A 80 -13.45 4.52 -3.37
C ASP A 80 -14.02 5.90 -3.80
N GLY A 81 -13.18 6.80 -4.32
CA GLY A 81 -13.67 8.07 -4.85
C GLY A 81 -14.74 7.92 -5.92
N TYR A 82 -14.52 6.98 -6.84
CA TYR A 82 -15.51 6.70 -7.88
C TYR A 82 -16.83 6.26 -7.25
N ALA A 83 -16.75 5.42 -6.22
CA ALA A 83 -17.95 4.91 -5.55
C ALA A 83 -18.72 6.04 -4.88
N ARG A 84 -18.01 7.00 -4.28
CA ARG A 84 -18.66 8.14 -3.65
C ARG A 84 -19.55 8.94 -4.61
N THR A 85 -19.21 8.93 -5.89
CA THR A 85 -19.91 9.71 -6.89
C THR A 85 -20.83 8.87 -7.78
N LYS A 86 -20.31 7.73 -8.26
CA LYS A 86 -21.05 6.80 -9.12
C LYS A 86 -22.01 5.92 -8.33
N LYS A 87 -21.72 5.73 -7.03
CA LYS A 87 -22.54 4.96 -6.08
C LYS A 87 -22.35 3.43 -6.23
N ALA A 88 -21.33 3.06 -7.00
CA ALA A 88 -20.79 1.72 -7.05
C ALA A 88 -19.43 1.81 -7.72
N ALA A 89 -18.53 0.87 -7.40
CA ALA A 89 -17.22 0.83 -8.05
C ALA A 89 -16.61 -0.57 -8.05
N ALA A 90 -15.63 -0.76 -8.91
CA ALA A 90 -14.85 -2.00 -8.94
C ALA A 90 -13.38 -1.76 -9.30
N PHE A 91 -12.51 -2.53 -8.67
CA PHE A 91 -11.12 -2.60 -9.10
C PHE A 91 -10.61 -4.04 -9.07
N LEU A 92 -9.57 -4.29 -9.84
CA LEU A 92 -9.03 -5.61 -10.11
C LEU A 92 -7.58 -5.66 -9.67
N THR A 93 -7.22 -6.69 -8.89
CA THR A 93 -5.83 -6.89 -8.48
C THR A 93 -5.43 -8.32 -8.73
N THR A 94 -4.15 -8.61 -8.50
CA THR A 94 -3.64 -9.96 -8.57
C THR A 94 -3.45 -10.51 -7.15
N PHE A 95 -3.62 -11.83 -7.04
CA PHE A 95 -3.47 -12.59 -5.81
C PHE A 95 -2.26 -12.20 -4.96
N GLY A 96 -2.47 -12.06 -3.65
CA GLY A 96 -1.40 -11.78 -2.70
C GLY A 96 -0.85 -10.38 -2.78
N VAL A 97 0.05 -10.16 -3.73
CA VAL A 97 0.77 -8.87 -3.83
C VAL A 97 -0.14 -7.69 -4.22
N GLY A 98 -1.11 -7.92 -5.09
CA GLY A 98 -2.04 -6.88 -5.51
C GLY A 98 -3.05 -6.59 -4.41
N GLU A 99 -3.75 -7.63 -3.98
CA GLU A 99 -4.77 -7.46 -2.96
C GLU A 99 -4.22 -6.91 -1.64
N LEU A 100 -3.08 -7.41 -1.17
CA LEU A 100 -2.54 -6.88 0.09
C LEU A 100 -2.05 -5.45 -0.03
N SER A 101 -1.60 -5.04 -1.21
CA SER A 101 -1.24 -3.63 -1.43
C SER A 101 -2.48 -2.71 -1.34
N ALA A 102 -3.63 -3.25 -1.69
CA ALA A 102 -4.88 -2.49 -1.79
C ALA A 102 -5.69 -2.50 -0.47
N ILE A 103 -5.29 -3.32 0.50
CA ILE A 103 -6.19 -3.61 1.64
C ILE A 103 -6.47 -2.38 2.51
N ASN A 104 -5.53 -1.43 2.58
CA ASN A 104 -5.80 -0.21 3.33
C ASN A 104 -6.90 0.65 2.67
N GLY A 105 -6.90 0.68 1.34
CA GLY A 105 -7.96 1.35 0.61
C GLY A 105 -9.31 0.69 0.86
N LEU A 106 -9.34 -0.64 0.80
CA LEU A 106 -10.58 -1.37 1.05
C LEU A 106 -11.05 -1.18 2.50
N ALA A 107 -10.11 -1.12 3.44
CA ALA A 107 -10.44 -0.86 4.84
C ALA A 107 -11.11 0.53 4.98
N GLY A 108 -10.60 1.53 4.28
CA GLY A 108 -11.24 2.86 4.28
C GLY A 108 -12.64 2.87 3.70
N SER A 109 -12.82 2.09 2.63
CA SER A 109 -14.14 1.92 2.03
C SER A 109 -15.08 1.21 3.02
N TYR A 110 -14.54 0.30 3.82
CA TYR A 110 -15.37 -0.36 4.85
C TYR A 110 -15.72 0.63 5.98
N ALA A 111 -14.70 1.33 6.47
CA ALA A 111 -14.90 2.29 7.55
C ALA A 111 -15.95 3.36 7.19
N GLU A 112 -15.82 3.96 6.01
CA GLU A 112 -16.72 5.05 5.60
C GLU A 112 -17.86 4.55 4.70
N ASN A 113 -17.95 3.23 4.56
CA ASN A 113 -19.14 2.57 3.99
C ASN A 113 -19.38 2.89 2.50
N LEU A 114 -18.38 2.60 1.67
CA LEU A 114 -18.49 2.77 0.21
C LEU A 114 -18.58 1.45 -0.54
N PRO A 115 -19.51 1.37 -1.51
CA PRO A 115 -19.81 0.16 -2.24
C PRO A 115 -18.78 -0.15 -3.32
N VAL A 116 -17.64 -0.69 -2.87
CA VAL A 116 -16.54 -1.05 -3.77
C VAL A 116 -16.40 -2.57 -3.84
N VAL A 117 -16.36 -3.10 -5.05
CA VAL A 117 -16.04 -4.51 -5.31
C VAL A 117 -14.54 -4.64 -5.65
N GLU A 118 -13.81 -5.42 -4.87
CA GLU A 118 -12.47 -5.84 -5.29
C GLU A 118 -12.53 -7.23 -5.89
N ILE A 119 -12.00 -7.37 -7.10
CA ILE A 119 -11.89 -8.65 -7.78
C ILE A 119 -10.42 -9.02 -7.75
N VAL A 120 -10.09 -10.19 -7.23
CA VAL A 120 -8.71 -10.64 -7.10
C VAL A 120 -8.51 -11.85 -8.01
N GLY A 121 -7.67 -11.70 -9.04
CA GLY A 121 -7.31 -12.80 -9.90
C GLY A 121 -6.37 -13.75 -9.18
N SER A 122 -6.68 -15.04 -9.21
CA SER A 122 -5.91 -16.04 -8.48
C SER A 122 -5.45 -17.19 -9.39
N PRO A 123 -4.50 -17.99 -8.91
CA PRO A 123 -4.01 -19.12 -9.74
C PRO A 123 -5.12 -20.10 -10.15
N THR A 124 -4.88 -20.91 -11.16
CA THR A 124 -5.89 -21.87 -11.60
C THR A 124 -6.33 -22.77 -10.45
N SER A 125 -7.59 -23.21 -10.51
CA SER A 125 -8.11 -24.18 -9.56
C SER A 125 -7.17 -25.36 -9.36
N LYS A 126 -6.58 -25.86 -10.45
CA LYS A 126 -5.68 -27.01 -10.34
C LYS A 126 -4.43 -26.68 -9.54
N VAL A 127 -3.82 -25.52 -9.80
CA VAL A 127 -2.63 -25.10 -9.05
C VAL A 127 -2.96 -24.97 -7.56
N GLN A 128 -4.10 -24.35 -7.27
CA GLN A 128 -4.53 -24.20 -5.88
C GLN A 128 -4.75 -25.54 -5.19
N ASN A 129 -5.43 -26.46 -5.86
CA ASN A 129 -5.71 -27.78 -5.32
C ASN A 129 -4.46 -28.62 -5.13
N ASP A 130 -3.46 -28.40 -5.99
CA ASP A 130 -2.17 -29.10 -5.89
C ASP A 130 -1.24 -28.54 -4.82
N GLY A 131 -1.54 -27.36 -4.28
CA GLY A 131 -0.74 -26.79 -3.21
C GLY A 131 0.65 -26.35 -3.65
N LYS A 132 0.74 -25.92 -4.91
CA LYS A 132 2.02 -25.56 -5.53
C LYS A 132 2.61 -24.29 -4.92
N PHE A 133 3.93 -24.28 -4.80
CA PHE A 133 4.69 -23.13 -4.30
C PHE A 133 4.89 -22.14 -5.42
N VAL A 134 3.82 -21.44 -5.77
CA VAL A 134 3.86 -20.46 -6.84
C VAL A 134 4.06 -19.02 -6.33
N HIS A 135 4.45 -18.16 -7.25
CA HIS A 135 4.66 -16.75 -6.94
C HIS A 135 3.42 -16.11 -6.34
N HIS A 136 3.66 -15.15 -5.46
CA HIS A 136 2.65 -14.42 -4.70
C HIS A 136 1.98 -15.30 -3.63
N THR A 137 2.67 -16.32 -3.14
CA THR A 137 2.22 -17.11 -2.00
C THR A 137 3.30 -17.16 -0.93
N LEU A 138 2.96 -17.75 0.22
CA LEU A 138 3.93 -17.95 1.30
C LEU A 138 4.69 -19.27 1.17
N ALA A 139 4.54 -19.93 0.02
CA ALA A 139 5.17 -21.24 -0.25
C ALA A 139 4.80 -22.29 0.80
N ASP A 140 3.52 -22.30 1.15
CA ASP A 140 2.95 -23.30 2.06
C ASP A 140 1.75 -24.03 1.44
N GLY A 141 1.43 -23.76 0.18
CA GLY A 141 0.33 -24.43 -0.51
C GLY A 141 -1.06 -23.94 -0.14
N ASP A 142 -1.14 -22.88 0.66
CA ASP A 142 -2.42 -22.36 1.16
C ASP A 142 -2.80 -21.07 0.43
N PHE A 143 -3.90 -21.16 -0.30
CA PHE A 143 -4.37 -20.07 -1.14
C PHE A 143 -5.55 -19.31 -0.51
N LYS A 144 -5.76 -19.53 0.78
CA LYS A 144 -6.90 -18.95 1.48
C LYS A 144 -6.57 -17.92 2.54
N HIS A 145 -5.27 -17.71 2.84
CA HIS A 145 -4.84 -16.75 3.87
C HIS A 145 -5.33 -15.34 3.57
N PHE A 146 -5.20 -14.93 2.31
CA PHE A 146 -5.37 -13.52 1.98
C PHE A 146 -6.86 -13.15 2.04
N MET A 147 -7.75 -14.07 1.62
CA MET A 147 -9.18 -13.84 1.76
C MET A 147 -9.56 -13.74 3.25
N LYS A 148 -9.02 -14.65 4.09
CA LYS A 148 -9.25 -14.59 5.54
C LYS A 148 -8.86 -13.20 6.09
N MET A 149 -7.72 -12.70 5.66
CA MET A 149 -7.22 -11.38 6.12
C MET A 149 -8.19 -10.24 5.76
N HIS A 150 -9.05 -10.44 4.76
CA HIS A 150 -10.02 -9.42 4.40
C HIS A 150 -11.35 -9.49 5.20
N GLU A 151 -11.50 -10.48 6.07
CA GLU A 151 -12.75 -10.66 6.79
C GLU A 151 -13.22 -9.40 7.54
N PRO A 152 -12.31 -8.74 8.29
CA PRO A 152 -12.79 -7.55 9.03
C PRO A 152 -13.14 -6.31 8.22
N VAL A 153 -12.76 -6.27 6.93
CA VAL A 153 -12.93 -5.09 6.12
C VAL A 153 -13.79 -5.36 4.86
N THR A 154 -14.57 -6.44 4.90
CA THR A 154 -15.50 -6.73 3.81
C THR A 154 -16.84 -7.21 4.38
N ALA A 155 -17.93 -6.82 3.71
CA ALA A 155 -19.27 -7.28 4.10
C ALA A 155 -19.52 -8.71 3.64
N ALA A 156 -18.87 -9.10 2.55
CA ALA A 156 -18.99 -10.44 2.01
C ALA A 156 -17.77 -10.74 1.16
N ARG A 157 -17.46 -12.03 1.03
CA ARG A 157 -16.30 -12.47 0.27
C ARG A 157 -16.55 -13.85 -0.31
N THR A 158 -15.95 -14.13 -1.47
CA THR A 158 -16.12 -15.44 -2.11
C THR A 158 -14.89 -15.88 -2.89
N LEU A 159 -14.62 -17.18 -2.82
CA LEU A 159 -13.71 -17.86 -3.75
C LEU A 159 -14.58 -18.57 -4.79
N LEU A 160 -14.51 -18.12 -6.03
CA LEU A 160 -15.39 -18.66 -7.05
C LEU A 160 -14.87 -20.00 -7.59
N THR A 161 -15.82 -20.85 -7.95
CA THR A 161 -15.59 -22.07 -8.71
C THR A 161 -16.51 -21.99 -9.93
N ALA A 162 -16.25 -22.82 -10.93
CA ALA A 162 -17.15 -22.92 -12.08
C ALA A 162 -18.62 -23.15 -11.68
N GLU A 163 -18.87 -24.01 -10.70
CA GLU A 163 -20.23 -24.39 -10.32
C GLU A 163 -20.91 -23.37 -9.44
N ASN A 164 -20.12 -22.68 -8.61
CA ASN A 164 -20.70 -21.75 -7.65
C ASN A 164 -20.80 -20.30 -8.14
N ALA A 165 -20.17 -20.02 -9.28
CA ALA A 165 -19.84 -18.62 -9.63
C ALA A 165 -21.03 -17.69 -9.74
N THR A 166 -22.06 -18.07 -10.49
CA THR A 166 -23.19 -17.18 -10.69
C THR A 166 -23.91 -16.89 -9.37
N TYR A 167 -24.15 -17.91 -8.54
CA TYR A 167 -24.83 -17.69 -7.25
CA TYR A 167 -24.83 -17.65 -7.27
C TYR A 167 -23.96 -16.87 -6.29
N GLU A 168 -22.67 -17.17 -6.25
CA GLU A 168 -21.73 -16.47 -5.37
C GLU A 168 -21.54 -15.01 -5.76
N ILE A 169 -21.40 -14.75 -7.06
CA ILE A 169 -21.35 -13.38 -7.54
C ILE A 169 -22.60 -12.61 -7.12
N ASP A 170 -23.75 -13.23 -7.33
CA ASP A 170 -25.01 -12.60 -7.00
C ASP A 170 -25.15 -12.40 -5.49
N ARG A 171 -24.67 -13.36 -4.71
CA ARG A 171 -24.73 -13.27 -3.26
C ARG A 171 -23.92 -12.08 -2.77
N VAL A 172 -22.68 -11.97 -3.23
CA VAL A 172 -21.82 -10.90 -2.71
C VAL A 172 -22.26 -9.52 -3.22
N LEU A 173 -22.67 -9.42 -4.48
CA LEU A 173 -23.13 -8.14 -5.02
C LEU A 173 -24.48 -7.73 -4.45
N SER A 174 -25.32 -8.71 -4.11
CA SER A 174 -26.56 -8.43 -3.40
C SER A 174 -26.24 -7.84 -2.02
N GLN A 175 -25.21 -8.38 -1.36
CA GLN A 175 -24.73 -7.82 -0.09
C GLN A 175 -24.17 -6.40 -0.28
N LEU A 176 -23.47 -6.16 -1.39
CA LEU A 176 -23.04 -4.79 -1.71
C LEU A 176 -24.24 -3.85 -1.77
N LEU A 177 -25.29 -4.28 -2.46
CA LEU A 177 -26.55 -3.48 -2.55
C LEU A 177 -27.22 -3.26 -1.20
N LYS A 178 -27.23 -4.29 -0.36
CA LYS A 178 -27.93 -4.24 0.93
C LYS A 178 -27.27 -3.26 1.91
N GLU A 179 -25.94 -3.35 2.02
CA GLU A 179 -25.19 -2.63 3.06
C GLU A 179 -24.35 -1.47 2.53
N ARG A 180 -24.10 -1.46 1.22
CA ARG A 180 -23.22 -0.50 0.54
C ARG A 180 -21.78 -0.46 1.11
N LYS A 181 -21.35 -1.58 1.66
CA LYS A 181 -19.98 -1.79 2.13
C LYS A 181 -19.22 -2.63 1.09
N PRO A 182 -17.86 -2.59 1.14
CA PRO A 182 -17.09 -3.34 0.15
C PRO A 182 -17.28 -4.85 0.21
N VAL A 183 -17.14 -5.47 -0.95
CA VAL A 183 -17.14 -6.92 -1.06
C VAL A 183 -15.96 -7.37 -1.91
N TYR A 184 -15.73 -8.66 -1.89
CA TYR A 184 -14.47 -9.25 -2.36
C TYR A 184 -14.78 -10.54 -3.14
N ILE A 185 -14.21 -10.64 -4.34
CA ILE A 185 -14.42 -11.77 -5.24
C ILE A 185 -13.06 -12.27 -5.70
N ASN A 186 -12.71 -13.49 -5.28
CA ASN A 186 -11.49 -14.14 -5.72
C ASN A 186 -11.87 -14.98 -6.94
N LEU A 187 -11.23 -14.68 -8.08
CA LEU A 187 -11.56 -15.25 -9.38
C LEU A 187 -10.37 -16.04 -9.96
N PRO A 188 -10.36 -17.36 -9.81
CA PRO A 188 -9.30 -18.15 -10.45
C PRO A 188 -9.30 -18.00 -11.97
N VAL A 189 -8.12 -18.06 -12.59
CA VAL A 189 -8.02 -17.92 -14.06
C VAL A 189 -8.99 -18.81 -14.85
N ASP A 190 -8.96 -20.12 -14.61
CA ASP A 190 -9.83 -21.06 -15.32
C ASP A 190 -11.33 -20.81 -15.06
N VAL A 191 -11.64 -20.20 -13.92
CA VAL A 191 -13.06 -19.98 -13.58
C VAL A 191 -13.68 -18.88 -14.43
N ALA A 192 -12.92 -17.82 -14.70
CA ALA A 192 -13.40 -16.70 -15.52
C ALA A 192 -13.79 -17.14 -16.93
N ALA A 193 -13.06 -18.13 -17.45
CA ALA A 193 -13.32 -18.70 -18.78
C ALA A 193 -14.42 -19.78 -18.79
N ALA A 194 -14.87 -20.23 -17.62
CA ALA A 194 -15.85 -21.30 -17.53
C ALA A 194 -17.19 -20.83 -18.05
N LYS A 195 -17.97 -21.78 -18.56
CA LYS A 195 -19.28 -21.50 -19.12
C LYS A 195 -20.24 -20.96 -18.06
N ALA A 196 -21.12 -20.06 -18.48
CA ALA A 196 -22.19 -19.54 -17.63
C ALA A 196 -23.41 -19.24 -18.50
N GLU A 197 -24.56 -19.08 -17.84
CA GLU A 197 -25.77 -18.60 -18.49
C GLU A 197 -26.05 -17.15 -18.07
N LYS A 198 -26.44 -16.31 -19.03
CA LYS A 198 -26.83 -14.93 -18.74
C LYS A 198 -27.81 -14.87 -17.57
N PRO A 199 -27.71 -13.79 -16.74
CA PRO A 199 -28.67 -13.68 -15.64
C PRO A 199 -30.11 -13.51 -16.12
N ALA A 200 -31.03 -14.22 -15.48
CA ALA A 200 -32.45 -14.15 -15.81
C ALA A 200 -33.12 -12.92 -15.21
N LEU A 201 -32.75 -12.58 -13.98
CA LEU A 201 -33.36 -11.46 -13.26
C LEU A 201 -32.30 -10.47 -12.81
N SER A 202 -32.70 -9.22 -12.59
CA SER A 202 -31.79 -8.21 -12.06
C SER A 202 -31.51 -8.43 -10.58
N LEU A 203 -30.39 -7.89 -10.11
CA LEU A 203 -29.99 -8.00 -8.71
C LEU A 203 -30.95 -7.27 -7.78
N GLU A 204 -31.43 -6.10 -8.22
CA GLU A 204 -32.41 -5.34 -7.46
C GLU A 204 -33.74 -6.08 -7.32
N ASN A 211 -42.15 -4.18 6.87
CA ASN A 211 -42.56 -2.81 6.62
C ASN A 211 -43.39 -2.22 7.76
N THR A 212 -43.77 -3.04 8.75
CA THR A 212 -44.56 -2.57 9.89
C THR A 212 -43.76 -1.62 10.77
N THR A 213 -42.57 -2.07 11.18
CA THR A 213 -41.68 -1.25 12.01
C THR A 213 -41.22 -0.01 11.25
N GLU A 214 -40.97 -0.17 9.95
CA GLU A 214 -40.64 0.95 9.08
C GLU A 214 -41.77 1.97 9.04
N GLN A 215 -43.02 1.50 9.07
CA GLN A 215 -44.17 2.41 9.09
C GLN A 215 -44.35 3.06 10.46
N VAL A 216 -44.09 2.30 11.52
CA VAL A 216 -44.07 2.85 12.87
C VAL A 216 -42.98 3.91 13.02
N ILE A 217 -41.79 3.63 12.48
CA ILE A 217 -40.68 4.60 12.53
C ILE A 217 -41.08 5.88 11.80
N LEU A 218 -41.67 5.74 10.62
CA LEU A 218 -42.13 6.91 9.86
C LEU A 218 -43.20 7.72 10.59
N SER A 219 -44.13 7.02 11.23
CA SER A 219 -45.20 7.67 11.99
C SER A 219 -44.66 8.47 13.17
N LYS A 220 -43.69 7.91 13.88
CA LYS A 220 -43.05 8.61 14.99
C LYS A 220 -42.21 9.79 14.52
N ILE A 221 -41.55 9.66 13.37
CA ILE A 221 -40.81 10.79 12.80
C ILE A 221 -41.79 11.90 12.42
N GLU A 222 -42.88 11.52 11.76
CA GLU A 222 -43.91 12.49 11.36
C GLU A 222 -44.48 13.24 12.56
N GLU A 223 -44.92 12.48 13.56
CA GLU A 223 -45.47 13.05 14.80
C GLU A 223 -44.47 14.02 15.43
N SER A 224 -43.24 13.54 15.58
CA SER A 224 -42.20 14.34 16.21
C SER A 224 -41.92 15.64 15.45
N LEU A 225 -41.87 15.54 14.12
CA LEU A 225 -41.56 16.72 13.30
C LEU A 225 -42.69 17.75 13.36
N LYS A 226 -43.93 17.28 13.35
CA LYS A 226 -45.09 18.19 13.34
C LYS A 226 -45.33 18.84 14.70
N ASN A 227 -44.95 18.15 15.77
CA ASN A 227 -45.05 18.69 17.13
C ASN A 227 -43.86 19.55 17.56
N ALA A 228 -42.74 19.44 16.85
CA ALA A 228 -41.52 20.16 17.24
C ALA A 228 -41.62 21.65 16.92
N GLN A 229 -41.17 22.48 17.86
CA GLN A 229 -41.08 23.93 17.68
CA GLN A 229 -41.09 23.91 17.62
C GLN A 229 -39.72 24.30 17.06
N LYS A 230 -38.72 23.45 17.29
CA LYS A 230 -37.37 23.68 16.79
C LYS A 230 -36.69 22.35 16.42
N PRO A 231 -37.16 21.73 15.34
CA PRO A 231 -36.53 20.50 14.91
C PRO A 231 -35.19 20.76 14.23
N VAL A 232 -34.30 19.77 14.25
CA VAL A 232 -33.10 19.83 13.43
C VAL A 232 -32.82 18.43 12.87
N VAL A 233 -32.45 18.40 11.59
CA VAL A 233 -32.03 17.17 10.92
C VAL A 233 -30.51 17.18 10.87
N ILE A 234 -29.88 16.04 11.18
CA ILE A 234 -28.45 15.89 10.99
C ILE A 234 -28.24 14.76 9.98
N ALA A 235 -27.65 15.05 8.83
CA ALA A 235 -27.38 14.05 7.80
C ALA A 235 -25.89 13.67 7.82
N GLY A 236 -25.61 12.39 7.56
CA GLY A 236 -24.25 11.89 7.62
C GLY A 236 -23.85 11.03 6.42
N HIS A 237 -22.71 10.36 6.58
CA HIS A 237 -22.04 9.73 5.46
C HIS A 237 -22.85 8.58 4.86
N GLU A 238 -23.70 7.92 5.66
CA GLU A 238 -24.44 6.77 5.14
C GLU A 238 -25.49 7.21 4.09
N VAL A 239 -25.92 8.46 4.17
CA VAL A 239 -26.74 9.03 3.10
C VAL A 239 -25.97 8.98 1.77
N ILE A 240 -24.69 9.37 1.83
CA ILE A 240 -23.83 9.37 0.65
C ILE A 240 -23.61 7.95 0.14
N SER A 241 -23.40 7.01 1.06
CA SER A 241 -23.21 5.59 0.76
C SER A 241 -24.30 5.01 -0.17
N PHE A 242 -25.54 5.41 0.10
CA PHE A 242 -26.71 4.92 -0.64
C PHE A 242 -27.16 5.84 -1.77
N GLY A 243 -26.42 6.93 -2.03
CA GLY A 243 -26.85 7.90 -3.06
C GLY A 243 -28.20 8.54 -2.74
N LEU A 244 -28.43 8.81 -1.44
CA LEU A 244 -29.69 9.39 -0.98
C LEU A 244 -29.63 10.91 -0.81
N GLU A 245 -28.55 11.55 -1.26
CA GLU A 245 -28.40 12.99 -1.06
C GLU A 245 -29.55 13.79 -1.68
N LYS A 246 -29.89 13.48 -2.93
CA LYS A 246 -30.95 14.25 -3.61
C LYS A 246 -32.30 14.04 -2.93
N THR A 247 -32.50 12.84 -2.38
CA THR A 247 -33.73 12.48 -1.66
C THR A 247 -33.87 13.32 -0.37
N VAL A 248 -32.80 13.37 0.41
CA VAL A 248 -32.79 14.19 1.62
C VAL A 248 -32.91 15.70 1.31
N THR A 249 -32.21 16.15 0.27
CA THR A 249 -32.26 17.55 -0.14
C THR A 249 -33.69 17.92 -0.50
N GLN A 250 -34.38 17.05 -1.25
CA GLN A 250 -35.78 17.29 -1.64
CA GLN A 250 -35.77 17.31 -1.63
C GLN A 250 -36.69 17.35 -0.40
N PHE A 251 -36.51 16.38 0.50
CA PHE A 251 -37.28 16.36 1.76
C PHE A 251 -37.11 17.65 2.57
N VAL A 252 -35.87 18.06 2.78
CA VAL A 252 -35.57 19.29 3.53
C VAL A 252 -36.09 20.52 2.81
N SER A 253 -35.97 20.53 1.48
CA SER A 253 -36.45 21.64 0.66
CA SER A 253 -36.45 21.68 0.70
C SER A 253 -37.96 21.84 0.85
N GLU A 254 -38.71 20.74 0.75
CA GLU A 254 -40.17 20.79 0.79
C GLU A 254 -40.69 21.18 2.18
N THR A 255 -40.02 20.69 3.22
CA THR A 255 -40.46 20.88 4.62
C THR A 255 -39.84 22.11 5.31
N LYS A 256 -38.78 22.67 4.73
CA LYS A 256 -38.04 23.82 5.26
C LYS A 256 -37.31 23.53 6.58
N LEU A 257 -37.12 22.24 6.89
CA LEU A 257 -36.56 21.85 8.19
C LEU A 257 -35.10 22.31 8.28
N PRO A 258 -34.70 22.84 9.45
CA PRO A 258 -33.28 23.13 9.66
C PRO A 258 -32.45 21.85 9.53
N ILE A 259 -31.28 21.98 8.88
CA ILE A 259 -30.39 20.83 8.69
C ILE A 259 -28.92 21.20 8.80
N THR A 260 -28.18 20.29 9.42
CA THR A 260 -26.74 20.37 9.54
C THR A 260 -26.16 19.01 9.13
N THR A 261 -24.87 18.98 8.83
CA THR A 261 -24.11 17.74 8.72
C THR A 261 -22.86 17.86 9.55
N LEU A 262 -22.27 16.72 9.89
CA LEU A 262 -20.91 16.70 10.42
C LEU A 262 -19.96 16.91 9.23
N ASN A 263 -18.67 17.03 9.49
CA ASN A 263 -17.69 17.02 8.39
C ASN A 263 -17.51 15.59 7.82
N PHE A 264 -17.98 14.59 8.56
CA PHE A 264 -18.05 13.18 8.13
C PHE A 264 -19.44 13.02 7.54
N GLY A 265 -19.49 13.06 6.22
CA GLY A 265 -20.75 13.14 5.50
C GLY A 265 -21.06 14.53 4.95
N LYS A 266 -20.07 15.42 4.89
CA LYS A 266 -20.29 16.74 4.30
C LYS A 266 -20.77 16.56 2.85
N SER A 267 -21.82 17.30 2.51
CA SER A 267 -22.53 17.24 1.22
C SER A 267 -23.54 16.09 1.14
N ALA A 268 -23.86 15.47 2.29
CA ALA A 268 -24.99 14.55 2.41
C ALA A 268 -26.31 15.24 2.02
N VAL A 269 -26.32 16.56 2.11
CA VAL A 269 -27.39 17.40 1.57
C VAL A 269 -26.75 18.56 0.82
N ASP A 270 -27.52 19.21 -0.03
CA ASP A 270 -27.06 20.39 -0.76
C ASP A 270 -26.96 21.57 0.21
N GLU A 271 -25.76 22.13 0.33
CA GLU A 271 -25.51 23.20 1.29
C GLU A 271 -26.05 24.59 0.92
N SER A 272 -26.60 24.75 -0.29
CA SER A 272 -27.12 26.06 -0.71
C SER A 272 -28.54 26.29 -0.16
N LEU A 273 -29.19 25.21 0.23
CA LEU A 273 -30.53 25.26 0.85
C LEU A 273 -30.65 26.32 1.93
N PRO A 274 -31.76 27.08 1.94
CA PRO A 274 -31.89 28.16 2.92
C PRO A 274 -31.88 27.64 4.36
N SER A 275 -32.32 26.41 4.58
CA SER A 275 -32.37 25.82 5.92
C SER A 275 -31.09 25.07 6.33
N PHE A 276 -30.08 25.03 5.47
CA PHE A 276 -28.78 24.43 5.83
C PHE A 276 -28.03 25.41 6.74
N LEU A 277 -27.67 24.93 7.93
CA LEU A 277 -27.09 25.77 8.99
C LEU A 277 -25.56 25.91 8.86
N GLY A 278 -24.89 24.87 8.39
CA GLY A 278 -23.45 24.77 8.46
C GLY A 278 -23.07 23.40 9.00
N ILE A 279 -21.78 23.25 9.29
CA ILE A 279 -21.23 22.02 9.81
C ILE A 279 -21.18 22.03 11.35
N TYR A 280 -21.84 21.04 11.95
CA TYR A 280 -21.78 20.86 13.39
C TYR A 280 -20.52 20.08 13.72
N ASN A 281 -19.65 20.66 14.54
CA ASN A 281 -18.42 20.00 14.96
C ASN A 281 -18.19 20.20 16.46
N GLY A 282 -19.16 19.76 17.25
CA GLY A 282 -19.09 19.90 18.71
C GLY A 282 -18.79 21.32 19.15
N LYS A 283 -17.94 21.45 20.15
CA LYS A 283 -17.63 22.77 20.71
C LYS A 283 -16.90 23.70 19.74
N LEU A 284 -16.33 23.14 18.67
CA LEU A 284 -15.65 23.94 17.63
C LEU A 284 -16.61 24.49 16.56
N SER A 285 -17.91 24.22 16.71
CA SER A 285 -18.91 24.77 15.81
C SER A 285 -18.99 26.29 15.92
N GLU A 286 -19.39 26.94 14.84
CA GLU A 286 -19.79 28.34 14.93
C GLU A 286 -20.86 28.47 16.01
N ILE A 287 -20.78 29.54 16.81
CA ILE A 287 -21.61 29.67 18.02
C ILE A 287 -23.13 29.62 17.77
N SER A 288 -23.63 30.38 16.80
CA SER A 288 -25.08 30.34 16.53
C SER A 288 -25.54 28.95 16.08
N LEU A 289 -24.74 28.27 15.26
CA LEU A 289 -25.05 26.90 14.85
C LEU A 289 -25.08 25.94 16.04
N LYS A 290 -24.02 25.97 16.85
CA LYS A 290 -23.93 25.19 18.07
C LYS A 290 -25.16 25.36 18.96
N ASN A 291 -25.51 26.61 19.23
CA ASN A 291 -26.67 26.90 20.07
C ASN A 291 -27.98 26.37 19.51
N PHE A 292 -28.14 26.45 18.18
CA PHE A 292 -29.36 26.03 17.51
C PHE A 292 -29.49 24.51 17.63
N VAL A 293 -28.46 23.80 17.19
CA VAL A 293 -28.47 22.34 17.22
C VAL A 293 -28.71 21.79 18.62
N GLU A 294 -28.01 22.36 19.60
CA GLU A 294 -28.03 21.86 20.98
C GLU A 294 -29.26 22.32 21.80
N SER A 295 -30.03 23.26 21.25
CA SER A 295 -31.32 23.66 21.85
C SER A 295 -32.56 23.10 21.10
N ALA A 296 -32.34 22.40 19.99
CA ALA A 296 -33.44 21.80 19.23
C ALA A 296 -34.26 20.89 20.14
N ASP A 297 -35.59 20.93 20.00
CA ASP A 297 -36.47 20.06 20.81
C ASP A 297 -36.72 18.67 20.20
N PHE A 298 -36.27 18.47 18.96
CA PHE A 298 -36.30 17.15 18.33
C PHE A 298 -35.14 17.08 17.36
N ILE A 299 -34.42 15.96 17.37
CA ILE A 299 -33.29 15.73 16.47
C ILE A 299 -33.54 14.46 15.68
N LEU A 300 -33.49 14.58 14.36
CA LEU A 300 -33.53 13.43 13.44
C LEU A 300 -32.13 13.26 12.82
N MET A 301 -31.43 12.19 13.19
CA MET A 301 -30.13 11.87 12.56
C MET A 301 -30.32 10.80 11.49
N LEU A 302 -29.81 11.08 10.30
CA LEU A 302 -29.91 10.17 9.15
C LEU A 302 -28.51 9.78 8.71
N GLY A 303 -28.11 8.57 9.04
CA GLY A 303 -26.84 8.02 8.57
C GLY A 303 -25.58 8.64 9.14
N VAL A 304 -25.66 9.06 10.39
CA VAL A 304 -24.58 9.78 11.07
C VAL A 304 -23.75 8.86 11.99
N LYS A 305 -22.43 9.05 12.02
CA LYS A 305 -21.62 8.45 13.05
C LYS A 305 -20.74 9.52 13.67
N LEU A 306 -20.76 9.57 15.00
CA LEU A 306 -20.04 10.56 15.76
C LEU A 306 -18.62 10.09 16.08
N THR A 307 -17.64 10.70 15.42
CA THR A 307 -16.24 10.29 15.53
C THR A 307 -15.40 11.44 16.10
N ASP A 308 -14.15 11.19 16.50
CA ASP A 308 -13.35 12.27 17.11
C ASP A 308 -13.22 13.51 16.22
N SER A 309 -12.87 13.33 14.96
CA SER A 309 -12.59 14.45 14.04
C SER A 309 -13.85 15.21 13.58
N SER A 310 -15.01 14.59 13.74
CA SER A 310 -16.30 15.14 13.30
C SER A 310 -17.18 15.64 14.47
N THR A 311 -16.65 15.59 15.69
CA THR A 311 -17.38 16.08 16.87
C THR A 311 -16.55 17.00 17.77
N GLY A 312 -15.49 17.60 17.22
CA GLY A 312 -14.58 18.44 18.01
C GLY A 312 -14.01 17.68 19.19
N ALA A 313 -13.60 16.44 18.92
CA ALA A 313 -13.08 15.49 19.94
C ALA A 313 -14.13 15.16 21.00
N PHE A 314 -15.31 14.76 20.52
CA PHE A 314 -16.41 14.28 21.34
C PHE A 314 -16.94 15.35 22.29
N THR A 315 -17.00 16.60 21.82
CA THR A 315 -17.55 17.71 22.61
C THR A 315 -18.97 18.11 22.13
N HIS A 316 -19.63 17.21 21.40
CA HIS A 316 -21.03 17.38 20.98
C HIS A 316 -21.98 17.24 22.16
N HIS A 317 -23.18 17.82 22.01
CA HIS A 317 -24.25 17.68 22.99
C HIS A 317 -25.53 17.39 22.25
N LEU A 318 -25.79 16.11 22.01
CA LEU A 318 -26.95 15.67 21.26
C LEU A 318 -27.74 14.72 22.15
N ASP A 319 -28.91 15.17 22.58
CA ASP A 319 -29.71 14.45 23.59
C ASP A 319 -30.51 13.29 22.96
N GLU A 320 -30.05 12.06 23.24
CA GLU A 320 -30.75 10.83 22.88
C GLU A 320 -32.24 10.83 23.23
N ASN A 321 -32.60 11.47 24.35
CA ASN A 321 -34.01 11.51 24.79
C ASN A 321 -34.92 12.32 23.87
N LYS A 322 -34.32 13.15 23.02
CA LYS A 322 -35.04 13.99 22.07
C LYS A 322 -34.74 13.59 20.63
N MET A 323 -34.30 12.36 20.41
CA MET A 323 -33.73 11.98 19.12
C MET A 323 -34.33 10.72 18.52
N ILE A 324 -34.52 10.73 17.20
CA ILE A 324 -34.65 9.51 16.41
C ILE A 324 -33.43 9.47 15.48
N SER A 325 -32.59 8.44 15.64
CA SER A 325 -31.45 8.24 14.74
C SER A 325 -31.70 6.99 13.90
N LEU A 326 -31.37 7.10 12.62
CA LEU A 326 -31.45 6.00 11.68
C LEU A 326 -30.08 5.79 11.07
N ASN A 327 -29.60 4.55 11.15
CA ASN A 327 -28.33 4.14 10.55
C ASN A 327 -28.58 2.86 9.77
N ILE A 328 -27.63 2.49 8.91
CA ILE A 328 -27.73 1.22 8.18
C ILE A 328 -27.94 0.05 9.13
N ASP A 329 -27.20 0.02 10.24
CA ASP A 329 -27.19 -1.16 11.12
C ASP A 329 -28.27 -1.15 12.20
N GLU A 330 -28.74 0.03 12.56
CA GLU A 330 -29.73 0.14 13.62
C GLU A 330 -30.35 1.52 13.68
N GLY A 331 -31.45 1.61 14.41
CA GLY A 331 -32.12 2.88 14.69
C GLY A 331 -32.30 2.99 16.18
N ILE A 332 -32.40 4.22 16.69
CA ILE A 332 -32.67 4.48 18.10
C ILE A 332 -33.81 5.48 18.14
N ILE A 333 -34.98 5.02 18.59
CA ILE A 333 -36.21 5.83 18.61
C ILE A 333 -36.43 6.24 20.06
N PHE A 334 -36.00 7.46 20.40
CA PHE A 334 -36.09 7.93 21.77
C PHE A 334 -35.61 6.85 22.74
N ASN A 335 -34.39 6.38 22.50
CA ASN A 335 -33.68 5.40 23.35
C ASN A 335 -34.03 3.94 23.13
N LYS A 336 -35.08 3.66 22.35
CA LYS A 336 -35.44 2.27 22.04
C LYS A 336 -34.66 1.84 20.80
N VAL A 337 -33.77 0.85 20.98
CA VAL A 337 -32.97 0.35 19.87
C VAL A 337 -33.80 -0.58 19.01
N VAL A 338 -33.75 -0.38 17.70
CA VAL A 338 -34.42 -1.25 16.73
C VAL A 338 -33.43 -1.66 15.65
N GLU A 339 -33.59 -2.87 15.12
CA GLU A 339 -32.75 -3.37 14.05
C GLU A 339 -33.55 -3.85 12.82
N ASP A 340 -34.85 -4.11 12.99
CA ASP A 340 -35.67 -4.73 11.95
C ASP A 340 -36.26 -3.75 10.94
N PHE A 341 -35.38 -3.01 10.26
CA PHE A 341 -35.82 -2.05 9.24
C PHE A 341 -34.72 -1.86 8.19
N ASP A 342 -35.13 -1.40 7.01
CA ASP A 342 -34.18 -0.99 5.96
C ASP A 342 -34.01 0.53 5.94
N PHE A 343 -32.78 0.97 6.17
CA PHE A 343 -32.41 2.39 6.15
C PHE A 343 -32.83 3.12 4.86
N ARG A 344 -32.48 2.55 3.71
CA ARG A 344 -32.82 3.16 2.42
C ARG A 344 -34.33 3.33 2.28
N ALA A 345 -35.05 2.27 2.61
CA ALA A 345 -36.53 2.26 2.55
C ALA A 345 -37.11 3.40 3.40
N VAL A 346 -36.62 3.54 4.63
CA VAL A 346 -37.18 4.55 5.51
C VAL A 346 -36.86 5.95 5.02
N VAL A 347 -35.60 6.20 4.63
CA VAL A 347 -35.20 7.54 4.18
C VAL A 347 -35.96 7.95 2.92
N SER A 348 -36.16 7.01 1.99
CA SER A 348 -36.86 7.30 0.75
CA SER A 348 -36.87 7.27 0.75
C SER A 348 -38.38 7.45 0.95
N SER A 349 -38.89 7.04 2.11
CA SER A 349 -40.31 7.21 2.44
CA SER A 349 -40.31 7.21 2.45
C SER A 349 -40.60 8.53 3.15
N LEU A 350 -39.56 9.34 3.38
CA LEU A 350 -39.74 10.62 4.09
C LEU A 350 -40.61 11.60 3.31
N SER A 351 -40.53 11.59 1.98
CA SER A 351 -41.37 12.50 1.17
C SER A 351 -42.79 11.95 0.90
N GLU A 352 -43.11 10.77 1.43
CA GLU A 352 -44.50 10.36 1.60
C GLU A 352 -45.17 11.18 2.71
N LEU A 353 -44.37 11.76 3.60
CA LEU A 353 -44.89 12.53 4.72
C LEU A 353 -45.30 13.89 4.22
N LYS A 354 -46.55 14.24 4.51
CA LYS A 354 -47.15 15.48 4.06
C LYS A 354 -47.46 16.39 5.25
N GLY A 355 -47.51 17.68 4.97
CA GLY A 355 -47.97 18.65 5.93
C GLY A 355 -46.93 19.11 6.93
N ILE A 356 -45.67 18.69 6.74
CA ILE A 356 -44.58 19.15 7.59
C ILE A 356 -44.02 20.45 7.03
N GLU A 357 -44.07 21.51 7.82
CA GLU A 357 -43.56 22.81 7.40
C GLU A 357 -43.00 23.58 8.59
N TYR A 358 -41.67 23.73 8.62
CA TYR A 358 -41.01 24.54 9.64
C TYR A 358 -41.29 26.02 9.36
N GLU A 359 -41.75 26.74 10.40
CA GLU A 359 -42.12 28.16 10.25
C GLU A 359 -41.24 29.11 11.07
N GLY A 360 -40.18 28.60 11.66
CA GLY A 360 -39.27 29.40 12.47
C GLY A 360 -38.14 29.94 11.65
N GLN A 361 -37.13 30.43 12.35
CA GLN A 361 -35.96 31.03 11.75
C GLN A 361 -34.81 30.04 11.76
N TYR A 362 -33.75 30.37 11.04
CA TYR A 362 -32.54 29.58 11.03
C TYR A 362 -31.51 30.41 11.80
N ILE A 363 -30.29 30.51 11.29
CA ILE A 363 -29.28 31.36 11.89
C ILE A 363 -28.78 32.32 10.83
N ASP A 364 -28.25 33.46 11.27
CA ASP A 364 -27.80 34.48 10.33
C ASP A 364 -26.64 33.94 9.53
N LYS A 365 -26.76 34.01 8.21
CA LYS A 365 -25.67 33.61 7.33
C LYS A 365 -24.76 34.81 7.12
N GLN A 366 -23.45 34.58 7.32
CA GLN A 366 -22.45 35.61 7.10
C GLN A 366 -22.29 35.86 5.60
N TYR A 367 -22.11 37.13 5.23
CA TYR A 367 -21.95 37.51 3.83
C TYR A 367 -20.58 37.03 3.31
N GLU A 368 -20.59 36.36 2.15
CA GLU A 368 -19.37 35.79 1.58
C GLU A 368 -18.77 36.69 0.51
N GLU A 369 -17.58 37.20 0.81
CA GLU A 369 -16.84 38.03 -0.11
C GLU A 369 -15.34 37.85 0.11
N PHE A 370 -14.59 37.90 -0.98
CA PHE A 370 -13.13 37.88 -0.89
C PHE A 370 -12.53 38.90 -1.84
N ILE A 371 -11.85 39.89 -1.28
CA ILE A 371 -11.14 40.90 -2.06
C ILE A 371 -9.66 40.65 -1.85
N PRO A 372 -8.94 40.20 -2.88
CA PRO A 372 -7.53 39.89 -2.67
C PRO A 372 -6.66 41.12 -2.48
N SER A 373 -5.54 40.93 -1.79
CA SER A 373 -4.48 41.93 -1.70
C SER A 373 -3.18 41.29 -2.22
N SER A 374 -2.08 42.04 -2.13
CA SER A 374 -0.78 41.52 -2.50
C SER A 374 -0.12 40.71 -1.38
N ALA A 375 -0.84 40.51 -0.27
CA ALA A 375 -0.30 39.82 0.89
C ALA A 375 0.06 38.37 0.53
N PRO A 376 1.10 37.83 1.18
CA PRO A 376 1.37 36.40 1.00
C PRO A 376 0.18 35.58 1.47
N LEU A 377 -0.05 34.44 0.83
CA LEU A 377 -1.16 33.57 1.19
C LEU A 377 -1.08 33.10 2.62
N SER A 378 -2.22 33.16 3.30
CA SER A 378 -2.38 32.61 4.64
C SER A 378 -3.53 31.60 4.59
N GLN A 379 -3.51 30.68 5.55
CA GLN A 379 -4.51 29.60 5.57
C GLN A 379 -5.94 30.13 5.67
N ASP A 380 -6.21 30.97 6.65
CA ASP A 380 -7.57 31.47 6.85
C ASP A 380 -8.11 32.21 5.61
N ARG A 381 -7.28 33.07 5.01
CA ARG A 381 -7.66 33.77 3.79
C ARG A 381 -7.82 32.83 2.59
N LEU A 382 -6.97 31.80 2.51
CA LEU A 382 -7.07 30.81 1.45
C LEU A 382 -8.48 30.21 1.41
N TRP A 383 -8.99 29.77 2.57
CA TRP A 383 -10.29 29.06 2.56
C TRP A 383 -11.44 30.03 2.34
N GLN A 384 -11.28 31.29 2.77
CA GLN A 384 -12.25 32.36 2.44
CA GLN A 384 -12.24 32.36 2.44
C GLN A 384 -12.32 32.54 0.93
N ALA A 385 -11.15 32.57 0.29
CA ALA A 385 -11.04 32.69 -1.15
C ALA A 385 -11.69 31.50 -1.89
N VAL A 386 -11.40 30.28 -1.43
CA VAL A 386 -11.99 29.09 -2.05
C VAL A 386 -13.51 29.10 -1.92
N GLU A 387 -14.01 29.50 -0.74
CA GLU A 387 -15.46 29.57 -0.50
C GLU A 387 -16.14 30.51 -1.47
N SER A 388 -15.56 31.70 -1.64
CA SER A 388 -16.08 32.71 -2.56
C SER A 388 -16.01 32.24 -4.01
N LEU A 389 -14.86 31.71 -4.41
CA LEU A 389 -14.59 31.41 -5.82
C LEU A 389 -15.04 30.04 -6.28
N THR A 390 -15.46 29.17 -5.37
CA THR A 390 -16.00 27.86 -5.77
C THR A 390 -17.37 28.12 -6.39
N GLN A 391 -17.68 27.35 -7.43
CA GLN A 391 -18.92 27.50 -8.20
C GLN A 391 -19.89 26.35 -7.94
N SER A 392 -21.11 26.50 -8.48
CA SER A 392 -22.06 25.39 -8.51
CA SER A 392 -22.07 25.39 -8.50
C SER A 392 -21.55 24.23 -9.37
N ASN A 393 -22.11 23.04 -9.15
CA ASN A 393 -21.74 21.82 -9.87
C ASN A 393 -20.23 21.54 -9.83
N GLU A 394 -19.62 21.73 -8.66
CA GLU A 394 -18.22 21.32 -8.44
C GLU A 394 -18.14 20.31 -7.32
N THR A 395 -17.04 19.57 -7.30
CA THR A 395 -16.74 18.64 -6.20
C THR A 395 -15.42 19.10 -5.57
N ILE A 396 -15.47 19.40 -4.27
CA ILE A 396 -14.28 19.76 -3.50
C ILE A 396 -13.77 18.51 -2.80
N VAL A 397 -12.49 18.20 -3.01
CA VAL A 397 -11.87 17.03 -2.36
C VAL A 397 -10.74 17.57 -1.49
N ALA A 398 -10.72 17.19 -0.21
CA ALA A 398 -9.77 17.78 0.75
C ALA A 398 -9.09 16.75 1.64
N GLU A 399 -7.76 16.77 1.62
CA GLU A 399 -6.96 15.78 2.32
C GLU A 399 -6.82 16.12 3.81
N GLN A 400 -6.69 15.08 4.62
CA GLN A 400 -6.35 15.23 6.05
C GLN A 400 -5.09 16.11 6.17
N GLY A 401 -5.16 17.06 7.10
CA GLY A 401 -4.20 18.15 7.18
C GLY A 401 -4.90 19.49 7.12
N THR A 402 -4.14 20.55 6.87
CA THR A 402 -4.74 21.89 6.82
C THR A 402 -5.87 21.94 5.80
N SER A 403 -5.74 21.21 4.70
CA SER A 403 -6.76 21.23 3.63
C SER A 403 -8.14 20.77 4.13
N PHE A 404 -8.22 19.61 4.77
CA PHE A 404 -9.50 19.13 5.27
C PHE A 404 -10.09 20.10 6.29
N PHE A 405 -9.31 20.52 7.26
CA PHE A 405 -9.84 21.38 8.32
C PHE A 405 -10.24 22.76 7.84
N GLY A 406 -9.52 23.29 6.85
CA GLY A 406 -9.92 24.53 6.18
C GLY A 406 -11.12 24.40 5.27
N ALA A 407 -11.09 23.42 4.38
CA ALA A 407 -12.13 23.27 3.38
C ALA A 407 -13.45 22.80 4.00
N SER A 408 -13.39 22.11 5.13
CA SER A 408 -14.57 21.45 5.70
C SER A 408 -15.66 22.46 6.10
N THR A 409 -15.28 23.68 6.43
CA THR A 409 -16.28 24.68 6.89
C THR A 409 -16.77 25.63 5.79
N ILE A 410 -16.33 25.42 4.55
CA ILE A 410 -16.80 26.26 3.46
CA ILE A 410 -16.78 26.20 3.39
C ILE A 410 -18.23 25.87 3.06
N PHE A 411 -19.06 26.89 2.79
CA PHE A 411 -20.42 26.66 2.31
C PHE A 411 -20.35 26.40 0.82
N LEU A 412 -20.80 25.22 0.43
CA LEU A 412 -20.80 24.82 -0.95
C LEU A 412 -22.00 25.45 -1.63
N LYS A 413 -21.85 25.65 -2.93
CA LYS A 413 -22.92 26.18 -3.76
C LYS A 413 -23.82 25.06 -4.26
N SER A 414 -24.86 25.44 -4.99
CA SER A 414 -25.84 24.49 -5.44
C SER A 414 -25.23 23.35 -6.27
N ASN A 415 -25.74 22.14 -6.05
CA ASN A 415 -25.31 20.91 -6.72
C ASN A 415 -23.80 20.62 -6.60
N SER A 416 -23.19 21.16 -5.56
CA SER A 416 -21.79 20.90 -5.30
C SER A 416 -21.62 19.83 -4.22
N ARG A 417 -20.50 19.12 -4.31
CA ARG A 417 -20.22 18.01 -3.42
C ARG A 417 -18.85 18.14 -2.77
N PHE A 418 -18.64 17.30 -1.77
CA PHE A 418 -17.41 17.28 -0.99
C PHE A 418 -16.99 15.83 -0.80
N ILE A 419 -15.69 15.59 -0.88
CA ILE A 419 -15.11 14.32 -0.51
C ILE A 419 -13.97 14.59 0.51
N GLY A 420 -14.16 14.02 1.69
CA GLY A 420 -13.15 13.99 2.75
C GLY A 420 -13.30 12.67 3.50
N GLN A 421 -12.25 12.27 4.19
CA GLN A 421 -12.19 10.93 4.80
C GLN A 421 -11.81 11.06 6.28
N PRO A 422 -12.66 11.70 7.08
CA PRO A 422 -12.26 12.00 8.48
C PRO A 422 -12.22 10.83 9.45
N LEU A 423 -12.94 9.75 9.17
CA LEU A 423 -12.89 8.57 10.03
C LEU A 423 -11.63 7.73 9.73
N TRP A 424 -11.50 7.25 8.50
CA TRP A 424 -10.35 6.42 8.19
C TRP A 424 -9.08 7.27 8.14
N GLY A 425 -9.15 8.41 7.47
CA GLY A 425 -8.09 9.42 7.52
C GLY A 425 -6.72 9.01 7.01
N SER A 426 -6.70 8.38 5.84
CA SER A 426 -5.48 7.85 5.26
C SER A 426 -4.88 8.86 4.30
N ILE A 427 -3.79 9.52 4.71
CA ILE A 427 -3.23 10.56 3.87
C ILE A 427 -2.73 9.98 2.55
N GLY A 428 -2.96 10.74 1.48
CA GLY A 428 -2.67 10.32 0.13
C GLY A 428 -3.92 9.87 -0.61
N TYR A 429 -4.91 9.39 0.14
CA TYR A 429 -6.19 8.95 -0.40
C TYR A 429 -6.76 9.91 -1.45
N THR A 430 -6.74 11.20 -1.13
CA THR A 430 -7.51 12.17 -1.91
C THR A 430 -7.09 12.35 -3.37
N PHE A 431 -5.82 12.11 -3.68
CA PHE A 431 -5.35 12.32 -5.04
C PHE A 431 -5.95 11.28 -6.00
N PRO A 432 -5.69 9.97 -5.80
CA PRO A 432 -6.41 9.03 -6.66
C PRO A 432 -7.93 9.11 -6.51
N ALA A 433 -8.42 9.33 -5.29
CA ALA A 433 -9.87 9.41 -5.05
C ALA A 433 -10.52 10.55 -5.87
N ALA A 434 -9.88 11.72 -5.89
CA ALA A 434 -10.36 12.84 -6.68
C ALA A 434 -10.44 12.49 -8.17
N LEU A 435 -9.44 11.77 -8.66
CA LEU A 435 -9.42 11.35 -10.05
C LEU A 435 -10.54 10.36 -10.32
N GLY A 436 -10.73 9.41 -9.42
CA GLY A 436 -11.82 8.43 -9.57
C GLY A 436 -13.19 9.07 -9.62
N SER A 437 -13.43 9.98 -8.69
CA SER A 437 -14.68 10.72 -8.62
C SER A 437 -14.86 11.59 -9.89
N GLN A 438 -13.78 12.21 -10.35
CA GLN A 438 -13.83 13.02 -11.59
C GLN A 438 -14.21 12.20 -12.82
N ILE A 439 -13.70 10.97 -12.89
CA ILE A 439 -14.04 10.01 -13.96
C ILE A 439 -15.52 9.63 -13.83
N ALA A 440 -15.98 9.43 -12.60
CA ALA A 440 -17.37 9.05 -12.31
C ALA A 440 -18.40 10.08 -12.79
N ASP A 441 -18.10 11.37 -12.59
CA ASP A 441 -18.96 12.46 -13.05
C ASP A 441 -18.12 13.52 -13.74
N LYS A 442 -17.97 13.37 -15.06
CA LYS A 442 -17.14 14.29 -15.82
C LYS A 442 -17.77 15.67 -15.99
N GLU A 443 -19.05 15.80 -15.60
CA GLU A 443 -19.73 17.10 -15.62
C GLU A 443 -19.57 17.92 -14.34
N SER A 444 -18.96 17.33 -13.31
CA SER A 444 -18.75 18.02 -12.04
C SER A 444 -17.26 18.31 -11.92
N ARG A 445 -16.87 19.58 -12.01
CA ARG A 445 -15.45 19.97 -11.96
C ARG A 445 -14.91 19.72 -10.57
N HIS A 446 -13.88 18.89 -10.49
CA HIS A 446 -13.22 18.58 -9.23
C HIS A 446 -12.08 19.54 -8.91
N LEU A 447 -12.13 20.04 -7.68
CA LEU A 447 -11.10 20.86 -7.10
C LEU A 447 -10.49 20.07 -5.94
N LEU A 448 -9.21 19.73 -6.06
CA LEU A 448 -8.45 18.98 -5.04
C LEU A 448 -7.54 19.88 -4.24
N PHE A 449 -7.61 19.75 -2.91
CA PHE A 449 -6.69 20.38 -2.00
C PHE A 449 -5.99 19.27 -1.24
N ILE A 450 -4.69 19.14 -1.53
CA ILE A 450 -3.86 18.10 -0.92
C ILE A 450 -2.53 18.70 -0.45
N GLY A 451 -2.06 18.26 0.71
CA GLY A 451 -0.81 18.72 1.26
C GLY A 451 0.39 18.11 0.54
N ASP A 452 1.52 18.79 0.63
CA ASP A 452 2.78 18.26 0.14
C ASP A 452 3.11 16.87 0.69
N GLY A 453 2.96 16.69 1.99
CA GLY A 453 3.30 15.44 2.64
C GLY A 453 2.42 14.30 2.18
N SER A 454 1.14 14.60 1.96
CA SER A 454 0.15 13.60 1.53
C SER A 454 0.29 13.25 0.06
N LEU A 455 0.55 14.26 -0.78
CA LEU A 455 0.81 14.00 -2.22
C LEU A 455 1.93 12.99 -2.43
N GLN A 456 2.95 13.03 -1.57
CA GLN A 456 4.11 12.17 -1.74
C GLN A 456 3.75 10.67 -1.62
N LEU A 457 2.64 10.34 -0.96
CA LEU A 457 2.25 8.94 -0.84
C LEU A 457 1.64 8.33 -2.11
N THR A 458 1.05 9.18 -2.96
CA THR A 458 0.21 8.68 -4.08
C THR A 458 0.43 9.43 -5.42
N VAL A 459 1.54 10.16 -5.51
CA VAL A 459 1.86 11.00 -6.67
C VAL A 459 1.84 10.29 -8.03
N GLN A 460 2.11 8.98 -8.06
CA GLN A 460 2.28 8.28 -9.34
C GLN A 460 1.03 8.22 -10.20
N GLU A 461 -0.16 8.49 -9.63
CA GLU A 461 -1.38 8.51 -10.47
C GLU A 461 -1.48 9.78 -11.35
N LEU A 462 -0.53 10.69 -11.22
CA LEU A 462 -0.37 11.78 -12.19
C LEU A 462 -0.33 11.21 -13.63
N GLY A 463 0.35 10.08 -13.85
CA GLY A 463 0.39 9.46 -15.18
C GLY A 463 -0.99 9.15 -15.73
N LEU A 464 -1.81 8.50 -14.92
CA LEU A 464 -3.19 8.20 -15.27
C LEU A 464 -3.97 9.46 -15.62
N SER A 465 -3.83 10.52 -14.83
CA SER A 465 -4.60 11.74 -15.04
C SER A 465 -4.29 12.33 -16.43
N ILE A 466 -3.05 12.18 -16.86
CA ILE A 466 -2.57 12.71 -18.13
C ILE A 466 -3.11 11.85 -19.26
N ARG A 467 -2.93 10.53 -19.14
CA ARG A 467 -3.41 9.58 -20.13
C ARG A 467 -4.93 9.70 -20.36
N GLU A 468 -5.70 9.78 -19.27
CA GLU A 468 -7.16 9.85 -19.33
C GLU A 468 -7.70 11.24 -19.67
N LYS A 469 -6.81 12.23 -19.76
CA LYS A 469 -7.18 13.60 -20.13
C LYS A 469 -8.21 14.21 -19.19
N LEU A 470 -8.01 13.98 -17.89
CA LEU A 470 -8.89 14.51 -16.86
C LEU A 470 -8.54 15.97 -16.64
N ASN A 471 -9.55 16.77 -16.34
CA ASN A 471 -9.37 18.22 -16.20
C ASN A 471 -9.65 18.78 -14.81
N PRO A 472 -9.22 18.10 -13.74
CA PRO A 472 -9.47 18.66 -12.42
C PRO A 472 -8.58 19.87 -12.17
N ILE A 473 -8.88 20.62 -11.12
CA ILE A 473 -8.04 21.72 -10.66
C ILE A 473 -7.43 21.26 -9.33
N CYS A 474 -6.11 21.06 -9.34
CA CYS A 474 -5.39 20.49 -8.22
C CYS A 474 -4.54 21.54 -7.55
N PHE A 475 -4.74 21.71 -6.25
CA PHE A 475 -3.97 22.64 -5.41
C PHE A 475 -3.10 21.84 -4.45
N ILE A 476 -1.79 22.02 -4.56
CA ILE A 476 -0.82 21.33 -3.68
C ILE A 476 -0.34 22.34 -2.64
N ILE A 477 -0.61 22.07 -1.36
CA ILE A 477 -0.20 22.98 -0.31
C ILE A 477 1.23 22.68 0.15
N ASN A 478 2.17 23.44 -0.38
CA ASN A 478 3.55 23.30 0.00
C ASN A 478 3.80 24.18 1.21
N ASN A 479 3.78 23.56 2.40
CA ASN A 479 4.15 24.25 3.64
C ASN A 479 5.36 23.57 4.31
N ASP A 480 6.20 22.97 3.49
CA ASP A 480 7.48 22.43 3.94
C ASP A 480 7.29 21.38 5.05
N GLY A 481 6.39 20.42 4.81
CA GLY A 481 6.19 19.27 5.72
C GLY A 481 4.78 19.07 6.27
N TYR A 482 4.71 18.40 7.42
CA TYR A 482 3.45 17.90 8.00
C TYR A 482 2.93 18.89 9.04
N THR A 483 2.24 19.92 8.58
CA THR A 483 1.79 21.00 9.47
C THR A 483 0.77 20.51 10.49
N VAL A 484 -0.20 19.70 10.08
CA VAL A 484 -1.14 19.14 11.04
C VAL A 484 -0.42 18.37 12.16
N GLU A 485 0.63 17.63 11.80
CA GLU A 485 1.41 16.90 12.80
C GLU A 485 2.16 17.85 13.74
N ARG A 486 2.74 18.91 13.17
CA ARG A 486 3.42 19.94 13.96
C ARG A 486 2.49 20.57 14.99
N GLU A 487 1.23 20.75 14.61
CA GLU A 487 0.19 21.29 15.50
C GLU A 487 -0.19 20.37 16.64
N ILE A 488 -0.11 19.05 16.42
CA ILE A 488 -0.44 18.06 17.46
C ILE A 488 0.75 17.88 18.40
N HIS A 489 1.92 17.64 17.82
CA HIS A 489 3.11 17.29 18.59
C HIS A 489 4.42 17.47 17.82
N GLY A 490 5.42 18.10 18.46
CA GLY A 490 6.76 18.19 17.89
C GLY A 490 6.89 19.15 16.71
N PRO A 491 6.46 20.41 16.89
CA PRO A 491 6.43 21.37 15.79
C PRO A 491 7.78 21.58 15.10
N THR A 492 8.89 21.42 15.82
CA THR A 492 10.21 21.56 15.21
C THR A 492 11.01 20.26 15.20
N GLN A 493 10.35 19.12 15.38
CA GLN A 493 11.01 17.82 15.33
C GLN A 493 11.23 17.40 13.87
N SER A 494 12.39 16.78 13.60
CA SER A 494 12.80 16.48 12.22
C SER A 494 11.88 15.50 11.50
N TYR A 495 11.13 14.69 12.25
CA TYR A 495 10.24 13.73 11.62
C TYR A 495 9.04 14.40 10.96
N ASN A 496 8.80 15.68 11.23
CA ASN A 496 7.71 16.43 10.59
C ASN A 496 8.16 17.12 9.31
N ASP A 497 9.46 17.03 9.05
CA ASP A 497 10.04 17.49 7.79
C ASP A 497 9.96 16.39 6.73
N ILE A 498 9.80 16.80 5.47
CA ILE A 498 9.86 15.90 4.32
C ILE A 498 10.79 16.47 3.26
N PRO A 499 11.31 15.61 2.37
CA PRO A 499 12.11 16.14 1.26
C PRO A 499 11.27 17.06 0.38
N MET A 500 11.74 18.27 0.05
CA MET A 500 10.93 19.17 -0.77
C MET A 500 11.14 18.88 -2.25
N TRP A 501 10.07 18.44 -2.89
CA TRP A 501 10.04 18.29 -4.33
C TRP A 501 9.70 19.63 -4.99
N ASN A 502 9.99 19.72 -6.29
CA ASN A 502 9.53 20.82 -7.13
C ASN A 502 8.14 20.47 -7.67
N TYR A 503 7.14 20.68 -6.82
CA TYR A 503 5.77 20.16 -7.06
C TYR A 503 5.19 20.64 -8.39
N SER A 504 5.44 21.90 -8.74
CA SER A 504 4.87 22.47 -9.97
C SER A 504 5.41 21.81 -11.25
N LYS A 505 6.56 21.15 -11.14
CA LYS A 505 7.21 20.52 -12.28
C LYS A 505 6.85 19.04 -12.45
N LEU A 506 6.03 18.49 -11.55
CA LEU A 506 5.63 17.09 -11.66
C LEU A 506 4.92 16.71 -12.98
N PRO A 507 3.87 17.46 -13.37
CA PRO A 507 3.19 17.06 -14.61
C PRO A 507 4.14 16.96 -15.83
N GLU A 508 5.02 17.94 -16.01
CA GLU A 508 5.98 17.89 -17.11
C GLU A 508 6.86 16.64 -17.03
N THR A 509 7.36 16.36 -15.84
CA THR A 509 8.25 15.23 -15.62
C THR A 509 7.52 13.89 -15.86
N PHE A 510 6.21 13.88 -15.58
CA PHE A 510 5.39 12.68 -15.75
C PHE A 510 4.75 12.59 -17.15
N GLY A 511 5.19 13.48 -18.06
CA GLY A 511 4.86 13.37 -19.49
C GLY A 511 3.82 14.34 -20.02
N ALA A 512 3.32 15.25 -19.18
CA ALA A 512 2.29 16.20 -19.62
C ALA A 512 2.89 17.29 -20.49
N THR A 513 2.10 17.74 -21.46
CA THR A 513 2.40 18.93 -22.24
C THR A 513 1.50 20.09 -21.81
N GLU A 514 1.87 21.29 -22.24
CA GLU A 514 1.18 22.51 -21.85
C GLU A 514 -0.28 22.57 -22.33
N ASP A 515 -0.60 21.80 -23.37
CA ASP A 515 -1.98 21.72 -23.87
C ASP A 515 -2.86 20.73 -23.07
N ARG A 516 -2.26 20.06 -22.09
CA ARG A 516 -2.97 19.09 -21.25
C ARG A 516 -3.04 19.60 -19.80
N VAL A 517 -1.87 19.91 -19.24
CA VAL A 517 -1.77 20.42 -17.87
C VAL A 517 -1.11 21.80 -17.85
N VAL A 518 -1.76 22.73 -17.15
CA VAL A 518 -1.19 24.04 -16.84
C VAL A 518 -0.68 24.04 -15.41
N SER A 519 0.62 24.28 -15.24
CA SER A 519 1.24 24.29 -13.92
C SER A 519 1.63 25.69 -13.47
N LYS A 520 1.46 25.95 -12.17
CA LYS A 520 1.62 27.28 -11.58
C LYS A 520 2.26 27.19 -10.21
N ILE A 521 2.97 28.24 -9.81
CA ILE A 521 3.36 28.45 -8.40
C ILE A 521 2.70 29.74 -7.90
N VAL A 522 2.01 29.66 -6.77
CA VAL A 522 1.23 30.78 -6.22
C VAL A 522 1.71 31.11 -4.81
N ARG A 523 2.04 32.38 -4.56
CA ARG A 523 2.52 32.85 -3.26
C ARG A 523 1.63 33.90 -2.58
N THR A 524 0.88 34.68 -3.35
CA THR A 524 0.10 35.80 -2.82
C THR A 524 -1.39 35.61 -3.10
N GLU A 525 -2.22 36.39 -2.41
CA GLU A 525 -3.66 36.33 -2.61
C GLU A 525 -4.05 36.71 -4.04
N ASN A 526 -3.41 37.74 -4.59
CA ASN A 526 -3.70 38.16 -5.97
C ASN A 526 -3.42 37.07 -6.98
N GLU A 527 -2.29 36.41 -6.80
CA GLU A 527 -1.90 35.30 -7.66
C GLU A 527 -2.91 34.15 -7.54
N PHE A 528 -3.37 33.88 -6.32
CA PHE A 528 -4.35 32.81 -6.12
C PHE A 528 -5.66 33.06 -6.86
N VAL A 529 -6.20 34.26 -6.70
CA VAL A 529 -7.43 34.65 -7.40
C VAL A 529 -7.26 34.60 -8.92
N SER A 530 -6.14 35.09 -9.43
CA SER A 530 -5.86 35.08 -10.89
C SER A 530 -5.85 33.65 -11.44
N VAL A 531 -5.09 32.78 -10.80
CA VAL A 531 -4.96 31.39 -11.25
C VAL A 531 -6.25 30.60 -11.07
N MET A 532 -6.95 30.82 -9.96
CA MET A 532 -8.22 30.14 -9.72
C MET A 532 -9.24 30.47 -10.81
N LYS A 533 -9.36 31.76 -11.14
CA LYS A 533 -10.31 32.19 -12.18
C LYS A 533 -9.92 31.65 -13.54
N GLU A 534 -8.62 31.71 -13.83
CA GLU A 534 -8.02 31.17 -15.06
C GLU A 534 -8.38 29.69 -15.17
N ALA A 535 -8.12 28.94 -14.09
CA ALA A 535 -8.40 27.50 -14.04
C ALA A 535 -9.90 27.22 -14.25
N GLN A 536 -10.75 27.89 -13.49
CA GLN A 536 -12.21 27.71 -13.59
C GLN A 536 -12.76 27.99 -14.99
N ALA A 537 -12.23 29.02 -15.64
CA ALA A 537 -12.63 29.38 -17.00
C ALA A 537 -12.25 28.33 -18.03
N ASP A 538 -11.07 27.74 -17.87
CA ASP A 538 -10.50 26.81 -18.84
C ASP A 538 -10.87 25.38 -18.44
N VAL A 539 -12.04 24.94 -18.90
CA VAL A 539 -12.57 23.61 -18.54
C VAL A 539 -11.91 22.45 -19.30
N ASN A 540 -11.08 22.73 -20.30
CA ASN A 540 -10.51 21.68 -21.15
C ASN A 540 -9.08 21.29 -20.82
N ARG A 541 -8.55 21.81 -19.73
CA ARG A 541 -7.23 21.40 -19.25
C ARG A 541 -7.23 21.19 -17.73
N MET A 542 -6.29 20.36 -17.29
CA MET A 542 -6.03 20.13 -15.88
C MET A 542 -5.14 21.25 -15.38
N TYR A 543 -5.36 21.67 -14.14
CA TYR A 543 -4.53 22.68 -13.50
C TYR A 543 -3.80 22.06 -12.31
N TRP A 544 -2.52 22.37 -12.20
CA TRP A 544 -1.63 21.84 -11.17
C TRP A 544 -0.93 23.02 -10.49
N ILE A 545 -1.44 23.40 -9.33
CA ILE A 545 -1.12 24.67 -8.72
C ILE A 545 -0.44 24.47 -7.39
N GLU A 546 0.85 24.82 -7.34
CA GLU A 546 1.61 24.73 -6.10
C GLU A 546 1.37 26.00 -5.29
N LEU A 547 0.71 25.85 -4.13
CA LEU A 547 0.50 26.95 -3.18
C LEU A 547 1.60 26.93 -2.16
N VAL A 548 2.25 28.07 -1.94
CA VAL A 548 3.28 28.18 -0.91
C VAL A 548 2.69 28.84 0.34
N LEU A 549 2.78 28.14 1.47
CA LEU A 549 2.31 28.64 2.75
C LEU A 549 3.32 28.30 3.83
N GLU A 550 3.27 29.04 4.93
CA GLU A 550 4.25 28.85 6.02
C GLU A 550 3.93 27.58 6.81
N LYS A 551 4.98 26.89 7.25
CA LYS A 551 4.79 25.65 8.01
C LYS A 551 4.05 25.87 9.35
N GLU A 552 4.19 27.08 9.92
CA GLU A 552 3.57 27.42 11.20
C GLU A 552 2.11 27.82 11.07
N ASP A 553 1.66 28.00 9.83
CA ASP A 553 0.31 28.50 9.56
C ASP A 553 -0.69 27.35 9.49
N ALA A 554 -1.74 27.43 10.30
CA ALA A 554 -2.83 26.46 10.29
C ALA A 554 -4.17 27.19 10.36
N PRO A 555 -5.20 26.67 9.68
CA PRO A 555 -6.52 27.29 9.75
C PRO A 555 -7.06 27.26 11.17
N LYS A 556 -7.87 28.25 11.52
CA LYS A 556 -8.38 28.36 12.89
C LYS A 556 -8.93 27.05 13.46
N LEU A 557 -9.67 26.31 12.66
CA LEU A 557 -10.27 25.04 13.15
C LEU A 557 -9.18 24.07 13.58
N LEU A 558 -8.09 23.99 12.81
CA LEU A 558 -7.01 23.04 13.10
C LEU A 558 -6.17 23.50 14.30
N LYS A 559 -6.02 24.81 14.46
CA LYS A 559 -5.31 25.32 15.63
C LYS A 559 -5.98 24.79 16.91
N LYS A 560 -7.30 24.69 16.89
CA LYS A 560 -8.05 24.19 18.03
C LYS A 560 -8.03 22.67 18.10
N MET A 561 -8.25 22.02 16.96
CA MET A 561 -8.35 20.57 16.92
C MET A 561 -7.01 19.86 17.17
N GLY A 562 -5.92 20.49 16.77
CA GLY A 562 -4.57 19.96 17.01
C GLY A 562 -4.34 19.70 18.49
N LYS A 563 -4.76 20.66 19.31
CA LYS A 563 -4.57 20.56 20.75
C LYS A 563 -5.50 19.50 21.37
N LEU A 564 -6.66 19.30 20.76
CA LEU A 564 -7.60 18.29 21.24
C LEU A 564 -7.12 16.87 20.88
N PHE A 565 -6.54 16.71 19.69
CA PHE A 565 -5.89 15.45 19.34
C PHE A 565 -4.74 15.15 20.33
N ALA A 566 -3.94 16.16 20.64
CA ALA A 566 -2.83 16.02 21.57
C ALA A 566 -3.33 15.54 22.93
N GLU A 567 -4.43 16.12 23.37
CA GLU A 567 -5.03 15.78 24.66
C GLU A 567 -5.56 14.35 24.68
N GLN A 568 -6.12 13.93 23.55
CA GLN A 568 -6.65 12.57 23.39
C GLN A 568 -5.55 11.52 23.54
N ASN A 569 -4.32 11.90 23.23
CA ASN A 569 -3.18 10.98 23.32
C ASN A 569 -2.41 11.06 24.65
N LYS A 570 -2.95 11.83 25.61
CA LYS A 570 -2.37 11.92 26.95
C LYS A 570 -3.13 11.03 27.92
N HIS B 10 34.45 16.12 53.01
CA HIS B 10 34.06 17.23 53.93
C HIS B 10 34.75 17.07 55.27
N SER B 11 35.44 18.11 55.70
CA SER B 11 36.18 18.15 56.97
C SER B 11 35.32 17.73 58.17
N SER B 12 34.07 18.19 58.19
CA SER B 12 33.14 17.89 59.29
C SER B 12 32.77 16.41 59.41
N GLY B 13 32.93 15.64 58.34
CA GLY B 13 32.54 14.24 58.33
C GLY B 13 31.12 14.01 57.87
N LEU B 14 30.43 15.08 57.47
CA LEU B 14 29.10 14.96 56.83
C LEU B 14 29.24 14.66 55.34
N MET B 24 14.01 8.80 33.70
CA MET B 24 12.95 7.79 33.91
C MET B 24 12.92 6.88 32.68
N TYR B 25 13.46 5.68 32.86
CA TYR B 25 13.53 4.68 31.80
C TYR B 25 12.13 4.16 31.54
N THR B 26 11.77 4.02 30.26
CA THR B 26 10.42 3.66 29.87
C THR B 26 10.38 2.43 28.97
N VAL B 27 9.17 1.94 28.74
CA VAL B 27 8.95 0.85 27.79
C VAL B 27 9.50 1.15 26.39
N GLY B 28 9.30 2.39 25.90
CA GLY B 28 9.88 2.80 24.62
C GLY B 28 11.40 2.64 24.62
N ASP B 29 12.04 3.05 25.73
CA ASP B 29 13.49 2.91 25.85
C ASP B 29 13.92 1.44 25.82
N TYR B 30 13.16 0.60 26.52
CA TYR B 30 13.37 -0.84 26.55
C TYR B 30 13.32 -1.43 25.15
N LEU B 31 12.25 -1.12 24.41
CA LEU B 31 12.14 -1.57 23.02
C LEU B 31 13.33 -1.15 22.15
N LEU B 32 13.67 0.13 22.21
CA LEU B 32 14.76 0.64 21.41
C LEU B 32 16.10 0.02 21.83
N ASP B 33 16.31 -0.20 23.13
CA ASP B 33 17.50 -0.93 23.59
C ASP B 33 17.57 -2.34 23.00
N ARG B 34 16.45 -3.05 22.97
CA ARG B 34 16.41 -4.38 22.34
C ARG B 34 16.69 -4.31 20.83
N LEU B 35 16.13 -3.33 20.13
CA LEU B 35 16.43 -3.16 18.70
C LEU B 35 17.93 -2.91 18.45
N HIS B 36 18.54 -2.12 19.32
CA HIS B 36 19.98 -1.90 19.26
C HIS B 36 20.73 -3.23 19.40
N GLU B 37 20.29 -4.07 20.33
CA GLU B 37 20.88 -5.39 20.55
C GLU B 37 20.85 -6.29 19.33
N LEU B 38 19.80 -6.13 18.52
CA LEU B 38 19.66 -6.89 17.28
C LEU B 38 20.55 -6.36 16.16
N GLY B 39 21.20 -5.22 16.39
CA GLY B 39 22.12 -4.63 15.41
C GLY B 39 21.50 -3.57 14.54
N ILE B 40 20.28 -3.17 14.88
CA ILE B 40 19.52 -2.17 14.13
C ILE B 40 20.02 -0.75 14.47
N GLU B 41 20.42 -0.01 13.45
CA GLU B 41 20.91 1.36 13.61
C GLU B 41 20.06 2.42 12.92
N GLU B 42 19.03 1.96 12.22
CA GLU B 42 18.13 2.85 11.48
C GLU B 42 16.73 2.28 11.59
N ILE B 43 15.74 3.15 11.77
CA ILE B 43 14.33 2.74 11.81
C ILE B 43 13.60 3.52 10.74
N PHE B 44 12.85 2.79 9.93
CA PHE B 44 12.07 3.37 8.84
C PHE B 44 10.61 3.56 9.26
N GLY B 45 9.85 4.21 8.39
CA GLY B 45 8.44 4.37 8.64
C GLY B 45 7.89 5.75 8.31
N VAL B 46 6.68 5.95 8.82
CA VAL B 46 5.92 7.19 8.61
C VAL B 46 5.23 7.61 9.92
N PRO B 47 5.35 8.89 10.33
CA PRO B 47 4.70 9.35 11.55
C PRO B 47 3.19 9.38 11.48
N GLY B 48 2.57 9.33 12.65
CA GLY B 48 1.16 9.61 12.85
C GLY B 48 0.98 9.97 14.31
N ASP B 49 -0.12 10.63 14.65
CA ASP B 49 -0.27 11.13 16.02
C ASP B 49 -0.11 10.01 17.08
N TYR B 50 -0.52 8.78 16.75
CA TYR B 50 -0.42 7.65 17.69
C TYR B 50 1.02 7.14 17.90
N ASN B 51 1.98 7.65 17.13
CA ASN B 51 3.38 7.25 17.36
C ASN B 51 4.40 8.38 17.57
N LEU B 52 3.96 9.64 17.58
CA LEU B 52 4.90 10.77 17.62
C LEU B 52 5.73 10.83 18.91
N GLN B 53 5.12 10.51 20.05
CA GLN B 53 5.86 10.57 21.32
C GLN B 53 6.93 9.47 21.38
N PHE B 54 6.64 8.29 20.83
CA PHE B 54 7.65 7.25 20.67
C PHE B 54 8.74 7.71 19.69
N LEU B 55 8.32 8.36 18.60
CA LEU B 55 9.27 8.97 17.67
C LEU B 55 10.27 9.91 18.33
N ASP B 56 9.82 10.73 19.30
CA ASP B 56 10.75 11.59 20.07
C ASP B 56 11.87 10.76 20.68
N GLN B 57 11.51 9.58 21.18
CA GLN B 57 12.47 8.67 21.80
C GLN B 57 13.47 8.14 20.79
N ILE B 58 13.02 7.86 19.58
CA ILE B 58 13.93 7.44 18.51
C ILE B 58 14.91 8.57 18.17
N ILE B 59 14.35 9.77 17.95
CA ILE B 59 15.14 10.94 17.58
C ILE B 59 16.22 11.26 18.62
N SER B 60 15.89 11.08 19.89
CA SER B 60 16.83 11.36 20.97
C SER B 60 17.96 10.32 21.10
N ARG B 61 17.78 9.13 20.54
CA ARG B 61 18.82 8.09 20.57
C ARG B 61 20.07 8.56 19.86
N GLU B 62 21.22 8.22 20.43
CA GLU B 62 22.49 8.49 19.78
C GLU B 62 22.96 7.33 18.90
N ASP B 63 22.39 6.14 19.15
CA ASP B 63 22.87 4.90 18.52
C ASP B 63 22.02 4.44 17.31
N MET B 64 20.97 5.21 17.00
CA MET B 64 20.17 4.94 15.81
C MET B 64 19.45 6.17 15.29
N LYS B 65 19.07 6.09 14.02
CA LYS B 65 18.55 7.21 13.27
C LYS B 65 17.16 6.89 12.71
N TRP B 66 16.25 7.85 12.85
CA TRP B 66 14.96 7.80 12.13
C TRP B 66 15.17 8.17 10.67
N ILE B 67 14.67 7.31 9.78
CA ILE B 67 14.75 7.54 8.35
C ILE B 67 13.33 7.47 7.81
N GLY B 68 12.66 8.62 7.77
CA GLY B 68 11.27 8.69 7.40
C GLY B 68 11.07 8.41 5.92
N ASN B 69 10.07 7.61 5.61
CA ASN B 69 9.70 7.33 4.21
C ASN B 69 8.54 8.21 3.74
N ALA B 70 8.32 8.24 2.42
CA ALA B 70 7.17 8.94 1.85
C ALA B 70 5.87 8.19 2.16
N ASN B 71 5.89 6.87 2.00
CA ASN B 71 4.72 6.05 2.38
C ASN B 71 5.12 4.74 3.07
N GLU B 72 4.13 4.11 3.69
CA GLU B 72 4.36 2.95 4.55
C GLU B 72 4.65 1.67 3.77
N LEU B 73 4.03 1.48 2.61
CA LEU B 73 4.35 0.29 1.82
C LEU B 73 5.84 0.33 1.53
N ASN B 74 6.32 1.51 1.14
CA ASN B 74 7.73 1.67 0.81
C ASN B 74 8.64 1.47 2.01
N ALA B 75 8.20 1.94 3.16
CA ALA B 75 8.91 1.69 4.42
C ALA B 75 9.10 0.21 4.67
N SER B 76 8.03 -0.59 4.47
CA SER B 76 8.11 -2.01 4.74
C SER B 76 9.09 -2.72 3.77
N TYR B 77 9.03 -2.31 2.50
CA TYR B 77 10.00 -2.77 1.51
C TYR B 77 11.43 -2.40 1.89
N MET B 78 11.62 -1.16 2.33
CA MET B 78 12.94 -0.67 2.70
C MET B 78 13.50 -1.46 3.88
N ALA B 79 12.65 -1.73 4.87
CA ALA B 79 13.06 -2.48 6.07
C ALA B 79 13.46 -3.91 5.67
N ASP B 80 12.74 -4.49 4.71
CA ASP B 80 13.05 -5.82 4.18
C ASP B 80 14.46 -5.83 3.56
N GLY B 81 14.71 -4.91 2.64
CA GLY B 81 16.04 -4.79 2.04
C GLY B 81 17.14 -4.59 3.09
N TYR B 82 16.86 -3.73 4.07
CA TYR B 82 17.79 -3.52 5.19
C TYR B 82 18.06 -4.83 5.93
N ALA B 83 17.00 -5.58 6.22
CA ALA B 83 17.14 -6.87 6.90
C ALA B 83 18.00 -7.84 6.11
N ARG B 84 17.87 -7.85 4.78
CA ARG B 84 18.65 -8.79 3.96
C ARG B 84 20.14 -8.60 4.10
N THR B 85 20.55 -7.37 4.40
CA THR B 85 21.97 -7.04 4.55
C THR B 85 22.44 -6.89 6.00
N LYS B 86 21.64 -6.18 6.81
CA LYS B 86 21.95 -5.96 8.23
C LYS B 86 21.64 -7.17 9.11
N LYS B 87 20.71 -8.00 8.62
CA LYS B 87 20.26 -9.24 9.29
C LYS B 87 19.26 -9.03 10.42
N ALA B 88 18.77 -7.79 10.54
CA ALA B 88 17.62 -7.46 11.36
C ALA B 88 17.16 -6.08 10.89
N ALA B 89 15.89 -5.76 11.08
CA ALA B 89 15.34 -4.45 10.68
C ALA B 89 14.09 -4.10 11.47
N ALA B 90 13.78 -2.82 11.51
CA ALA B 90 12.54 -2.35 12.11
C ALA B 90 11.95 -1.18 11.35
N PHE B 91 10.63 -1.11 11.35
CA PHE B 91 9.94 0.08 10.89
C PHE B 91 8.71 0.39 11.74
N LEU B 92 8.31 1.66 11.69
CA LEU B 92 7.26 2.21 12.56
C LEU B 92 6.10 2.75 11.73
N THR B 93 4.89 2.32 12.05
CA THR B 93 3.68 2.82 11.40
C THR B 93 2.68 3.29 12.45
N THR B 94 1.63 3.94 11.98
CA THR B 94 0.52 4.33 12.83
C THR B 94 -0.63 3.31 12.65
N PHE B 95 -1.40 3.16 13.71
CA PHE B 95 -2.56 2.25 13.79
C PHE B 95 -3.48 2.34 12.58
N GLY B 96 -3.89 1.18 12.06
CA GLY B 96 -4.89 1.11 10.99
C GLY B 96 -4.30 1.50 9.64
N VAL B 97 -4.25 2.79 9.37
CA VAL B 97 -3.83 3.29 8.06
C VAL B 97 -2.37 3.01 7.70
N GLY B 98 -1.47 3.13 8.67
CA GLY B 98 -0.06 2.89 8.42
C GLY B 98 0.22 1.41 8.28
N GLU B 99 -0.23 0.64 9.26
CA GLU B 99 0.04 -0.80 9.28
C GLU B 99 -0.57 -1.52 8.09
N LEU B 100 -1.83 -1.20 7.73
CA LEU B 100 -2.47 -1.86 6.57
C LEU B 100 -1.81 -1.44 5.24
N SER B 101 -1.29 -0.21 5.17
CA SER B 101 -0.53 0.19 4.00
C SER B 101 0.74 -0.67 3.81
N ALA B 102 1.32 -1.13 4.93
CA ALA B 102 2.60 -1.83 4.94
C ALA B 102 2.46 -3.35 4.86
N ILE B 103 1.24 -3.87 4.94
CA ILE B 103 1.05 -5.32 5.15
C ILE B 103 1.58 -6.18 3.99
N ASN B 104 1.51 -5.67 2.76
CA ASN B 104 2.09 -6.38 1.63
C ASN B 104 3.61 -6.53 1.74
N GLY B 105 4.29 -5.50 2.24
CA GLY B 105 5.73 -5.60 2.49
C GLY B 105 6.02 -6.64 3.54
N LEU B 106 5.26 -6.59 4.64
CA LEU B 106 5.49 -7.53 5.74
C LEU B 106 5.19 -8.95 5.25
N ALA B 107 4.17 -9.10 4.43
CA ALA B 107 3.87 -10.39 3.81
C ALA B 107 5.05 -10.93 3.01
N GLY B 108 5.69 -10.06 2.25
CA GLY B 108 6.87 -10.47 1.50
C GLY B 108 8.03 -10.86 2.38
N SER B 109 8.18 -10.17 3.52
CA SER B 109 9.20 -10.51 4.52
C SER B 109 8.88 -11.87 5.17
N TYR B 110 7.61 -12.18 5.31
CA TYR B 110 7.21 -13.51 5.81
C TYR B 110 7.52 -14.60 4.78
N ALA B 111 7.07 -14.39 3.54
CA ALA B 111 7.25 -15.34 2.45
C ALA B 111 8.72 -15.70 2.24
N GLU B 112 9.59 -14.69 2.19
CA GLU B 112 11.02 -14.90 1.93
C GLU B 112 11.88 -14.89 3.20
N ASN B 113 11.21 -14.92 4.36
CA ASN B 113 11.84 -15.15 5.66
C ASN B 113 12.89 -14.10 6.05
N LEU B 114 12.48 -12.84 6.14
CA LEU B 114 13.36 -11.78 6.63
C LEU B 114 12.96 -11.29 8.01
N PRO B 115 13.94 -11.09 8.89
CA PRO B 115 13.72 -10.69 10.28
C PRO B 115 13.42 -9.19 10.43
N VAL B 116 12.18 -8.84 10.13
CA VAL B 116 11.69 -7.45 10.21
C VAL B 116 10.70 -7.31 11.34
N VAL B 117 10.89 -6.27 12.15
CA VAL B 117 9.98 -5.95 13.24
C VAL B 117 9.15 -4.76 12.82
N GLU B 118 7.83 -4.91 12.81
CA GLU B 118 6.96 -3.75 12.60
C GLU B 118 6.43 -3.32 13.94
N ILE B 119 6.61 -2.03 14.25
CA ILE B 119 6.07 -1.38 15.43
C ILE B 119 4.90 -0.51 14.97
N VAL B 120 3.75 -0.71 15.59
CA VAL B 120 2.53 0.04 15.26
C VAL B 120 2.12 0.89 16.48
N GLY B 121 2.20 2.21 16.35
CA GLY B 121 1.72 3.12 17.40
C GLY B 121 0.21 3.14 17.42
N SER B 122 -0.40 2.93 18.60
CA SER B 122 -1.86 2.82 18.72
C SER B 122 -2.41 3.77 19.79
N PRO B 123 -3.74 3.98 19.81
CA PRO B 123 -4.32 4.93 20.75
C PRO B 123 -4.06 4.54 22.20
N THR B 124 -4.19 5.49 23.13
CA THR B 124 -4.02 5.14 24.52
C THR B 124 -4.92 3.99 24.96
N SER B 125 -4.49 3.26 25.98
CA SER B 125 -5.28 2.12 26.47
CA SER B 125 -5.26 2.14 26.52
C SER B 125 -6.66 2.58 26.94
N LYS B 126 -6.75 3.81 27.45
CA LYS B 126 -8.06 4.34 27.89
C LYS B 126 -9.01 4.51 26.71
N VAL B 127 -8.50 5.09 25.63
CA VAL B 127 -9.29 5.24 24.41
C VAL B 127 -9.71 3.87 23.85
N GLN B 128 -8.81 2.90 23.85
CA GLN B 128 -9.11 1.56 23.33
C GLN B 128 -10.14 0.87 24.23
N ASN B 129 -9.94 0.97 25.53
CA ASN B 129 -10.86 0.34 26.48
C ASN B 129 -12.27 0.92 26.45
N ASP B 130 -12.38 2.23 26.21
CA ASP B 130 -13.68 2.92 26.10
C ASP B 130 -14.39 2.67 24.75
N GLY B 131 -13.70 2.05 23.80
CA GLY B 131 -14.29 1.76 22.49
C GLY B 131 -14.62 3.00 21.68
N LYS B 132 -13.79 4.04 21.81
CA LYS B 132 -14.07 5.33 21.19
C LYS B 132 -13.98 5.26 19.66
N PHE B 133 -14.86 6.00 18.99
CA PHE B 133 -14.88 6.06 17.52
C PHE B 133 -13.82 7.07 17.04
N VAL B 134 -12.55 6.69 17.15
CA VAL B 134 -11.44 7.56 16.77
C VAL B 134 -10.92 7.25 15.37
N HIS B 135 -10.19 8.21 14.82
CA HIS B 135 -9.62 8.10 13.49
C HIS B 135 -8.72 6.87 13.35
N HIS B 136 -8.70 6.31 12.13
CA HIS B 136 -7.96 5.08 11.78
C HIS B 136 -8.63 3.83 12.40
N THR B 137 -9.94 3.90 12.66
CA THR B 137 -10.71 2.73 13.08
C THR B 137 -11.95 2.59 12.20
N LEU B 138 -12.66 1.49 12.37
CA LEU B 138 -13.89 1.23 11.63
C LEU B 138 -15.12 1.81 12.36
N ALA B 139 -14.90 2.62 13.41
CA ALA B 139 -15.98 3.18 14.24
C ALA B 139 -16.90 2.07 14.77
N ASP B 140 -16.29 1.00 15.25
CA ASP B 140 -16.96 -0.07 15.96
C ASP B 140 -16.37 -0.33 17.36
N GLY B 141 -15.43 0.50 17.79
CA GLY B 141 -14.81 0.38 19.11
C GLY B 141 -13.88 -0.80 19.30
N ASP B 142 -13.50 -1.47 18.20
CA ASP B 142 -12.69 -2.67 18.23
C ASP B 142 -11.27 -2.34 17.74
N PHE B 143 -10.29 -2.46 18.64
CA PHE B 143 -8.92 -2.07 18.31
C PHE B 143 -8.03 -3.29 18.04
N LYS B 144 -8.64 -4.44 17.82
CA LYS B 144 -7.92 -5.71 17.64
C LYS B 144 -7.97 -6.31 16.21
N HIS B 145 -8.80 -5.75 15.33
CA HIS B 145 -8.97 -6.30 13.97
C HIS B 145 -7.64 -6.36 13.21
N PHE B 146 -6.84 -5.29 13.32
CA PHE B 146 -5.70 -5.15 12.44
C PHE B 146 -4.57 -6.09 12.85
N MET B 147 -4.40 -6.31 14.15
CA MET B 147 -3.43 -7.30 14.59
C MET B 147 -3.86 -8.71 14.13
N LYS B 148 -5.16 -9.01 14.25
CA LYS B 148 -5.69 -10.30 13.76
C LYS B 148 -5.38 -10.47 12.26
N MET B 149 -5.55 -9.40 11.51
CA MET B 149 -5.25 -9.45 10.05
C MET B 149 -3.80 -9.78 9.72
N HIS B 150 -2.89 -9.56 10.68
CA HIS B 150 -1.48 -9.88 10.51
C HIS B 150 -1.10 -11.33 10.86
N GLU B 151 -2.07 -12.10 11.34
CA GLU B 151 -1.74 -13.41 11.86
C GLU B 151 -1.02 -14.30 10.83
N PRO B 152 -1.51 -14.37 9.58
CA PRO B 152 -0.85 -15.25 8.60
C PRO B 152 0.53 -14.81 8.10
N VAL B 153 0.94 -13.58 8.39
CA VAL B 153 2.17 -13.03 7.84
C VAL B 153 3.13 -12.54 8.95
N THR B 154 2.96 -13.06 10.17
CA THR B 154 3.85 -12.75 11.28
C THR B 154 4.14 -14.03 12.07
N ALA B 155 5.38 -14.19 12.50
CA ALA B 155 5.78 -15.33 13.33
C ALA B 155 5.25 -15.16 14.76
N ALA B 156 5.09 -13.91 15.18
CA ALA B 156 4.57 -13.56 16.51
C ALA B 156 4.06 -12.12 16.54
N ARG B 157 3.16 -11.83 17.46
CA ARG B 157 2.56 -10.51 17.53
C ARG B 157 2.10 -10.23 18.96
N THR B 158 2.09 -8.95 19.32
CA THR B 158 1.66 -8.58 20.64
C THR B 158 1.05 -7.18 20.65
N LEU B 159 0.02 -7.04 21.49
CA LEU B 159 -0.54 -5.75 21.87
C LEU B 159 -0.05 -5.49 23.29
N LEU B 160 0.90 -4.57 23.43
CA LEU B 160 1.53 -4.31 24.72
C LEU B 160 0.61 -3.63 25.72
N THR B 161 0.77 -4.02 26.98
CA THR B 161 0.19 -3.33 28.12
C THR B 161 1.35 -2.89 29.01
N ALA B 162 1.09 -1.95 29.91
CA ALA B 162 2.10 -1.51 30.87
C ALA B 162 2.57 -2.70 31.71
N GLU B 163 1.65 -3.61 32.02
CA GLU B 163 1.97 -4.74 32.91
C GLU B 163 2.74 -5.86 32.22
N ASN B 164 2.56 -6.04 30.90
CA ASN B 164 3.24 -7.13 30.21
C ASN B 164 4.35 -6.72 29.23
N ALA B 165 4.65 -5.42 29.14
CA ALA B 165 5.43 -4.88 28.01
C ALA B 165 6.78 -5.54 27.79
N THR B 166 7.63 -5.57 28.81
CA THR B 166 8.99 -6.14 28.66
C THR B 166 8.96 -7.64 28.36
N TYR B 167 8.06 -8.36 29.02
CA TYR B 167 7.83 -9.79 28.77
C TYR B 167 7.49 -10.05 27.30
N GLU B 168 6.54 -9.28 26.79
CA GLU B 168 6.01 -9.46 25.43
C GLU B 168 6.99 -9.03 24.34
N ILE B 169 7.68 -7.91 24.56
CA ILE B 169 8.76 -7.47 23.66
C ILE B 169 9.81 -8.60 23.53
N ASP B 170 10.27 -9.13 24.66
CA ASP B 170 11.29 -10.17 24.62
C ASP B 170 10.80 -11.46 23.96
N ARG B 171 9.54 -11.80 24.20
CA ARG B 171 8.92 -12.98 23.61
C ARG B 171 8.93 -12.87 22.08
N VAL B 172 8.46 -11.74 21.56
CA VAL B 172 8.31 -11.61 20.12
CA VAL B 172 8.30 -11.55 20.13
C VAL B 172 9.66 -11.41 19.45
N LEU B 173 10.58 -10.70 20.09
CA LEU B 173 11.92 -10.53 19.50
C LEU B 173 12.75 -11.82 19.60
N SER B 174 12.50 -12.63 20.63
CA SER B 174 13.11 -13.96 20.71
C SER B 174 12.60 -14.87 19.58
N GLN B 175 11.33 -14.72 19.20
CA GLN B 175 10.77 -15.48 18.09
C GLN B 175 11.40 -15.02 16.77
N LEU B 176 11.62 -13.72 16.64
CA LEU B 176 12.34 -13.18 15.49
C LEU B 176 13.74 -13.79 15.38
N LEU B 177 14.42 -13.92 16.51
CA LEU B 177 15.75 -14.55 16.52
C LEU B 177 15.70 -16.06 16.20
N LYS B 178 14.65 -16.74 16.65
CA LYS B 178 14.50 -18.19 16.41
C LYS B 178 14.21 -18.56 14.94
N GLU B 179 13.27 -17.84 14.32
CA GLU B 179 12.82 -18.19 12.96
C GLU B 179 13.29 -17.22 11.87
N ARG B 180 13.70 -16.01 12.27
CA ARG B 180 14.12 -14.92 11.36
C ARG B 180 13.00 -14.50 10.40
N LYS B 181 11.76 -14.70 10.86
CA LYS B 181 10.55 -14.24 10.18
C LYS B 181 10.07 -12.95 10.86
N PRO B 182 9.22 -12.17 10.16
CA PRO B 182 8.72 -10.91 10.74
C PRO B 182 7.84 -11.06 11.97
N VAL B 183 7.91 -10.06 12.85
CA VAL B 183 7.11 -10.00 14.06
C VAL B 183 6.52 -8.59 14.19
N TYR B 184 5.57 -8.43 15.10
CA TYR B 184 4.69 -7.26 15.14
C TYR B 184 4.43 -6.87 16.59
N ILE B 185 4.63 -5.58 16.89
CA ILE B 185 4.43 -5.02 18.21
C ILE B 185 3.50 -3.81 18.09
N ASN B 186 2.31 -3.91 18.65
CA ASN B 186 1.39 -2.79 18.77
C ASN B 186 1.69 -2.10 20.10
N LEU B 187 2.02 -0.79 20.02
CA LEU B 187 2.56 -0.01 21.14
C LEU B 187 1.61 1.16 21.43
N PRO B 188 0.68 1.00 22.39
CA PRO B 188 -0.16 2.15 22.73
C PRO B 188 0.63 3.33 23.27
N VAL B 189 0.17 4.53 22.96
CA VAL B 189 0.86 5.76 23.35
C VAL B 189 1.30 5.73 24.83
N ASP B 190 0.36 5.43 25.72
CA ASP B 190 0.62 5.52 27.17
C ASP B 190 1.53 4.40 27.63
N VAL B 191 1.51 3.27 26.91
CA VAL B 191 2.37 2.14 27.26
C VAL B 191 3.84 2.45 26.94
N ALA B 192 4.11 3.09 25.80
CA ALA B 192 5.48 3.48 25.48
C ALA B 192 6.13 4.40 26.52
N ALA B 193 5.30 5.23 27.15
CA ALA B 193 5.78 6.19 28.17
C ALA B 193 5.79 5.61 29.59
N ALA B 194 5.30 4.38 29.73
CA ALA B 194 5.20 3.70 31.02
C ALA B 194 6.57 3.33 31.55
N LYS B 195 6.69 3.26 32.88
CA LYS B 195 7.93 2.85 33.53
C LYS B 195 8.39 1.47 33.12
N ALA B 196 9.70 1.32 32.96
CA ALA B 196 10.31 0.02 32.75
C ALA B 196 11.66 -0.05 33.47
N GLU B 197 12.15 -1.27 33.60
CA GLU B 197 13.50 -1.52 34.11
C GLU B 197 14.37 -2.05 32.97
N LYS B 198 15.63 -1.64 32.94
CA LYS B 198 16.60 -2.13 31.95
C LYS B 198 16.61 -3.67 31.91
N PRO B 199 16.80 -4.25 30.71
CA PRO B 199 16.78 -5.71 30.59
C PRO B 199 17.87 -6.39 31.42
N ALA B 200 17.49 -7.42 32.16
CA ALA B 200 18.42 -8.15 33.02
C ALA B 200 19.20 -9.19 32.23
N LEU B 201 18.54 -9.79 31.23
CA LEU B 201 19.15 -10.82 30.42
C LEU B 201 19.28 -10.33 28.99
N SER B 202 20.28 -10.84 28.30
CA SER B 202 20.46 -10.56 26.88
C SER B 202 19.52 -11.46 26.07
N LEU B 203 19.07 -10.98 24.91
CA LEU B 203 18.34 -11.84 23.99
C LEU B 203 19.33 -12.86 23.44
N GLU B 204 18.89 -14.11 23.34
CA GLU B 204 19.79 -15.23 23.11
C GLU B 204 19.83 -15.62 21.63
N ASN B 211 21.90 -31.21 20.43
CA ASN B 211 21.25 -32.47 20.76
C ASN B 211 21.65 -33.64 19.83
N THR B 212 21.10 -34.81 20.12
CA THR B 212 21.37 -36.01 19.33
C THR B 212 20.86 -35.89 17.90
N THR B 213 19.70 -35.25 17.72
CA THR B 213 19.15 -35.06 16.39
C THR B 213 20.16 -34.33 15.49
N GLU B 214 20.77 -33.28 16.05
CA GLU B 214 21.75 -32.49 15.30
C GLU B 214 23.04 -33.27 15.02
N GLN B 215 23.52 -34.05 16.00
CA GLN B 215 24.68 -34.93 15.80
C GLN B 215 24.45 -36.00 14.74
N VAL B 216 23.26 -36.61 14.76
CA VAL B 216 22.89 -37.62 13.78
C VAL B 216 22.86 -37.00 12.38
N ILE B 217 22.24 -35.83 12.26
CA ILE B 217 22.22 -35.10 10.98
C ILE B 217 23.65 -34.82 10.50
N LEU B 218 24.48 -34.27 11.37
CA LEU B 218 25.86 -33.93 10.99
C LEU B 218 26.63 -35.20 10.60
N SER B 219 26.44 -36.27 11.37
CA SER B 219 27.10 -37.55 11.08
CA SER B 219 27.07 -37.55 11.09
C SER B 219 26.64 -38.13 9.74
N LYS B 220 25.35 -38.00 9.43
CA LYS B 220 24.81 -38.51 8.17
C LYS B 220 25.30 -37.69 6.98
N ILE B 221 25.39 -36.37 7.16
CA ILE B 221 25.95 -35.50 6.12
C ILE B 221 27.42 -35.85 5.87
N GLU B 222 28.18 -35.97 6.96
CA GLU B 222 29.60 -36.34 6.86
C GLU B 222 29.78 -37.66 6.11
N GLU B 223 29.03 -38.68 6.52
CA GLU B 223 29.06 -40.00 5.88
C GLU B 223 28.71 -39.94 4.39
N SER B 224 27.67 -39.18 4.07
CA SER B 224 27.22 -39.06 2.68
C SER B 224 28.25 -38.37 1.79
N LEU B 225 28.89 -37.33 2.31
CA LEU B 225 29.91 -36.61 1.57
C LEU B 225 31.19 -37.46 1.41
N LYS B 226 31.51 -38.27 2.42
CA LYS B 226 32.62 -39.23 2.31
C LYS B 226 32.39 -40.29 1.23
N ASN B 227 31.15 -40.76 1.10
CA ASN B 227 30.82 -41.82 0.17
C ASN B 227 30.53 -41.33 -1.27
N ALA B 228 30.30 -40.04 -1.43
CA ALA B 228 29.90 -39.48 -2.73
C ALA B 228 31.09 -39.26 -3.67
N GLN B 229 30.92 -39.65 -4.94
CA GLN B 229 31.87 -39.36 -6.00
C GLN B 229 31.55 -38.02 -6.68
N LYS B 230 30.28 -37.60 -6.60
CA LYS B 230 29.82 -36.39 -7.27
C LYS B 230 28.72 -35.72 -6.45
N PRO B 231 29.10 -35.16 -5.28
CA PRO B 231 28.14 -34.46 -4.43
C PRO B 231 27.87 -33.07 -4.99
N VAL B 232 26.70 -32.52 -4.70
CA VAL B 232 26.42 -31.12 -4.97
C VAL B 232 25.70 -30.50 -3.76
N VAL B 233 26.10 -29.28 -3.41
CA VAL B 233 25.40 -28.49 -2.41
C VAL B 233 24.49 -27.50 -3.13
N ILE B 234 23.26 -27.34 -2.64
CA ILE B 234 22.34 -26.31 -3.13
C ILE B 234 22.00 -25.42 -1.94
N ALA B 235 22.33 -24.13 -2.05
CA ALA B 235 22.13 -23.18 -0.96
C ALA B 235 21.00 -22.24 -1.36
N GLY B 236 20.18 -21.88 -0.39
CA GLY B 236 18.99 -21.07 -0.63
C GLY B 236 18.79 -19.90 0.29
N HIS B 237 17.61 -19.30 0.18
CA HIS B 237 17.33 -18.01 0.81
C HIS B 237 17.38 -18.04 2.34
N GLU B 238 17.07 -19.18 2.97
CA GLU B 238 17.15 -19.25 4.43
C GLU B 238 18.59 -19.12 4.99
N VAL B 239 19.59 -19.40 4.17
CA VAL B 239 20.98 -19.06 4.53
C VAL B 239 21.14 -17.54 4.71
N ILE B 240 20.57 -16.78 3.76
CA ILE B 240 20.58 -15.33 3.82
C ILE B 240 19.81 -14.82 5.04
N SER B 241 18.65 -15.42 5.33
CA SER B 241 17.81 -15.05 6.46
C SER B 241 18.59 -15.03 7.77
N PHE B 242 19.48 -16.02 7.95
CA PHE B 242 20.25 -16.18 9.18
C PHE B 242 21.64 -15.56 9.15
N GLY B 243 22.00 -14.91 8.04
CA GLY B 243 23.33 -14.34 7.89
C GLY B 243 24.43 -15.38 7.85
N LEU B 244 24.15 -16.51 7.21
CA LEU B 244 25.07 -17.64 7.15
C LEU B 244 25.86 -17.73 5.84
N GLU B 245 25.79 -16.70 5.00
CA GLU B 245 26.47 -16.73 3.69
C GLU B 245 27.97 -16.99 3.85
N LYS B 246 28.62 -16.24 4.74
CA LYS B 246 30.05 -16.42 4.97
C LYS B 246 30.39 -17.82 5.49
N THR B 247 29.56 -18.33 6.38
CA THR B 247 29.71 -19.70 6.92
C THR B 247 29.65 -20.76 5.81
N VAL B 248 28.64 -20.66 4.96
CA VAL B 248 28.52 -21.59 3.84
C VAL B 248 29.69 -21.43 2.86
N THR B 249 30.07 -20.19 2.59
CA THR B 249 31.18 -19.90 1.69
C THR B 249 32.46 -20.55 2.22
N GLN B 250 32.72 -20.40 3.51
CA GLN B 250 33.93 -20.95 4.13
C GLN B 250 33.95 -22.46 4.02
N PHE B 251 32.82 -23.08 4.37
CA PHE B 251 32.66 -24.53 4.27
C PHE B 251 32.94 -25.02 2.86
N VAL B 252 32.37 -24.36 1.86
CA VAL B 252 32.55 -24.78 0.47
C VAL B 252 33.98 -24.55 -0.01
N SER B 253 34.60 -23.46 0.43
CA SER B 253 35.97 -23.14 0.08
C SER B 253 36.95 -24.20 0.60
N GLU B 254 36.76 -24.61 1.85
CA GLU B 254 37.61 -25.62 2.49
C GLU B 254 37.48 -27.01 1.86
N THR B 255 36.24 -27.42 1.55
CA THR B 255 35.93 -28.75 1.05
C THR B 255 35.99 -28.89 -0.46
N LYS B 256 35.93 -27.76 -1.18
CA LYS B 256 35.89 -27.73 -2.64
C LYS B 256 34.62 -28.36 -3.23
N LEU B 257 33.58 -28.49 -2.42
CA LEU B 257 32.34 -29.13 -2.85
C LEU B 257 31.66 -28.31 -3.95
N PRO B 258 31.19 -28.98 -5.02
CA PRO B 258 30.39 -28.26 -5.99
C PRO B 258 29.18 -27.61 -5.31
N ILE B 259 28.89 -26.37 -5.66
CA ILE B 259 27.72 -25.67 -5.12
C ILE B 259 26.98 -24.90 -6.19
N THR B 260 25.65 -24.91 -6.08
CA THR B 260 24.78 -24.11 -6.90
C THR B 260 23.79 -23.41 -5.96
N THR B 261 23.12 -22.37 -6.44
CA THR B 261 21.95 -21.83 -5.74
C THR B 261 20.83 -21.73 -6.76
N LEU B 262 19.60 -21.62 -6.26
CA LEU B 262 18.49 -21.23 -7.09
C LEU B 262 18.61 -19.71 -7.25
N ASN B 263 17.77 -19.13 -8.10
CA ASN B 263 17.68 -17.66 -8.13
C ASN B 263 16.98 -17.13 -6.86
N PHE B 264 16.26 -18.02 -6.16
CA PHE B 264 15.64 -17.74 -4.87
C PHE B 264 16.68 -18.10 -3.81
N GLY B 265 17.40 -17.07 -3.36
CA GLY B 265 18.57 -17.22 -2.50
C GLY B 265 19.90 -16.98 -3.20
N LYS B 266 19.89 -16.38 -4.40
CA LYS B 266 21.13 -16.04 -5.09
C LYS B 266 22.02 -15.20 -4.18
N SER B 267 23.30 -15.56 -4.12
CA SER B 267 24.33 -14.96 -3.25
C SER B 267 24.32 -15.53 -1.82
N ALA B 268 23.59 -16.62 -1.62
CA ALA B 268 23.67 -17.39 -0.38
C ALA B 268 25.09 -17.95 -0.18
N VAL B 269 25.84 -18.10 -1.27
CA VAL B 269 27.28 -18.33 -1.22
C VAL B 269 27.97 -17.31 -2.14
N ASP B 270 29.25 -17.09 -1.90
CA ASP B 270 30.06 -16.24 -2.77
C ASP B 270 30.26 -16.91 -4.14
N GLU B 271 29.80 -16.25 -5.20
CA GLU B 271 29.82 -16.84 -6.55
C GLU B 271 31.21 -16.88 -7.21
N SER B 272 32.20 -16.27 -6.55
CA SER B 272 33.58 -16.31 -7.05
C SER B 272 34.33 -17.59 -6.66
N LEU B 273 33.71 -18.42 -5.82
CA LEU B 273 34.27 -19.71 -5.46
C LEU B 273 34.54 -20.57 -6.70
N PRO B 274 35.72 -21.23 -6.72
CA PRO B 274 36.05 -22.12 -7.83
C PRO B 274 35.00 -23.21 -8.11
N SER B 275 34.37 -23.69 -7.04
CA SER B 275 33.39 -24.78 -7.13
C SER B 275 31.95 -24.31 -7.34
N PHE B 276 31.73 -23.00 -7.44
CA PHE B 276 30.40 -22.48 -7.74
C PHE B 276 30.07 -22.69 -9.21
N LEU B 277 28.98 -23.41 -9.47
CA LEU B 277 28.62 -23.86 -10.81
C LEU B 277 27.82 -22.84 -11.59
N GLY B 278 27.02 -22.04 -10.89
CA GLY B 278 26.02 -21.17 -11.50
C GLY B 278 24.68 -21.39 -10.83
N ILE B 279 23.63 -20.88 -11.47
CA ILE B 279 22.28 -20.93 -10.94
C ILE B 279 21.52 -22.10 -11.54
N TYR B 280 20.98 -22.97 -10.68
CA TYR B 280 20.10 -24.06 -11.09
C TYR B 280 18.66 -23.54 -11.19
N ASN B 281 18.07 -23.64 -12.38
CA ASN B 281 16.71 -23.16 -12.63
C ASN B 281 15.94 -24.17 -13.51
N GLY B 282 15.92 -25.41 -13.06
CA GLY B 282 15.22 -26.49 -13.77
C GLY B 282 15.73 -26.68 -15.18
N LYS B 283 14.82 -26.87 -16.13
CA LYS B 283 15.24 -27.15 -17.52
C LYS B 283 15.80 -25.91 -18.22
N LEU B 284 15.64 -24.74 -17.59
CA LEU B 284 16.18 -23.48 -18.09
C LEU B 284 17.61 -23.22 -17.59
N SER B 285 18.17 -24.16 -16.83
CA SER B 285 19.57 -24.08 -16.43
C SER B 285 20.46 -24.24 -17.66
N GLU B 286 21.65 -23.67 -17.58
CA GLU B 286 22.70 -23.98 -18.55
C GLU B 286 22.92 -25.49 -18.54
N ILE B 287 23.09 -26.07 -19.73
CA ILE B 287 23.04 -27.53 -19.90
C ILE B 287 24.05 -28.31 -19.06
N SER B 288 25.32 -27.89 -19.05
CA SER B 288 26.33 -28.60 -18.27
C SER B 288 26.04 -28.49 -16.77
N LEU B 289 25.50 -27.35 -16.34
CA LEU B 289 25.12 -27.19 -14.91
C LEU B 289 23.98 -28.15 -14.54
N LYS B 290 22.92 -28.12 -15.34
CA LYS B 290 21.77 -29.02 -15.19
C LYS B 290 22.20 -30.49 -15.12
N ASN B 291 23.01 -30.90 -16.09
CA ASN B 291 23.51 -32.28 -16.13
C ASN B 291 24.29 -32.66 -14.88
N PHE B 292 25.14 -31.73 -14.40
CA PHE B 292 25.94 -31.97 -13.21
C PHE B 292 25.07 -32.13 -11.97
N VAL B 293 24.16 -31.18 -11.76
CA VAL B 293 23.30 -31.22 -10.58
C VAL B 293 22.43 -32.47 -10.60
N GLU B 294 21.85 -32.77 -11.76
CA GLU B 294 20.87 -33.87 -11.89
C GLU B 294 21.50 -35.27 -11.96
N SER B 295 22.84 -35.33 -12.13
CA SER B 295 23.57 -36.59 -12.03
C SER B 295 24.39 -36.73 -10.75
N ALA B 296 24.33 -35.73 -9.86
CA ALA B 296 25.02 -35.82 -8.56
C ALA B 296 24.51 -37.04 -7.80
N ASP B 297 25.41 -37.76 -7.15
CA ASP B 297 25.04 -38.98 -6.41
C ASP B 297 24.60 -38.68 -4.97
N PHE B 298 24.82 -37.45 -4.52
CA PHE B 298 24.33 -36.98 -3.23
C PHE B 298 24.04 -35.49 -3.38
N ILE B 299 22.91 -35.04 -2.81
CA ILE B 299 22.52 -33.63 -2.84
C ILE B 299 22.34 -33.15 -1.41
N LEU B 300 23.03 -32.08 -1.03
CA LEU B 300 22.79 -31.47 0.27
C LEU B 300 22.12 -30.11 0.00
N MET B 301 20.86 -29.97 0.40
CA MET B 301 20.17 -28.67 0.28
C MET B 301 20.18 -27.91 1.61
N LEU B 302 20.58 -26.64 1.54
CA LEU B 302 20.67 -25.81 2.73
C LEU B 302 19.78 -24.56 2.56
N GLY B 303 18.61 -24.57 3.20
CA GLY B 303 17.73 -23.40 3.25
C GLY B 303 17.05 -23.07 1.94
N VAL B 304 16.71 -24.12 1.18
CA VAL B 304 16.15 -23.99 -0.14
C VAL B 304 14.65 -24.22 -0.11
N LYS B 305 13.92 -23.40 -0.88
CA LYS B 305 12.54 -23.74 -1.25
C LYS B 305 12.37 -23.71 -2.75
N LEU B 306 11.76 -24.77 -3.27
CA LEU B 306 11.59 -24.96 -4.71
C LEU B 306 10.26 -24.35 -5.13
N THR B 307 10.32 -23.22 -5.86
CA THR B 307 9.14 -22.48 -6.29
C THR B 307 9.08 -22.37 -7.81
N ASP B 308 7.95 -21.91 -8.33
CA ASP B 308 7.81 -21.87 -9.79
C ASP B 308 8.90 -21.06 -10.50
N SER B 309 9.15 -19.85 -10.03
CA SER B 309 10.12 -18.95 -10.68
C SER B 309 11.57 -19.39 -10.47
N SER B 310 11.81 -20.26 -9.50
CA SER B 310 13.16 -20.71 -9.15
C SER B 310 13.46 -22.16 -9.57
N THR B 311 12.52 -22.78 -10.28
CA THR B 311 12.69 -24.17 -10.77
C THR B 311 12.33 -24.32 -12.25
N GLY B 312 12.34 -23.23 -13.01
CA GLY B 312 11.94 -23.28 -14.41
C GLY B 312 10.53 -23.82 -14.56
N ALA B 313 9.63 -23.32 -13.70
CA ALA B 313 8.23 -23.76 -13.70
C ALA B 313 8.14 -25.24 -13.34
N PHE B 314 8.79 -25.61 -12.23
CA PHE B 314 8.76 -26.97 -11.68
C PHE B 314 9.29 -28.03 -12.65
N THR B 315 10.38 -27.71 -13.35
CA THR B 315 11.06 -28.67 -14.23
C THR B 315 12.41 -29.12 -13.66
N HIS B 316 12.57 -29.00 -12.36
CA HIS B 316 13.74 -29.52 -11.67
C HIS B 316 13.66 -31.05 -11.58
N HIS B 317 14.82 -31.68 -11.43
CA HIS B 317 14.88 -33.13 -11.19
C HIS B 317 15.86 -33.43 -10.08
N LEU B 318 15.37 -33.39 -8.85
CA LEU B 318 16.19 -33.56 -7.65
C LEU B 318 15.67 -34.76 -6.85
N ASP B 319 16.44 -35.84 -6.88
CA ASP B 319 16.02 -37.12 -6.33
C ASP B 319 16.11 -37.14 -4.80
N GLU B 320 14.95 -37.15 -4.14
CA GLU B 320 14.90 -37.17 -2.67
C GLU B 320 15.61 -38.36 -2.05
N ASN B 321 15.69 -39.46 -2.80
CA ASN B 321 16.42 -40.64 -2.34
C ASN B 321 17.92 -40.42 -2.21
N LYS B 322 18.46 -39.41 -2.89
CA LYS B 322 19.88 -39.05 -2.78
C LYS B 322 20.08 -37.73 -2.04
N MET B 323 19.10 -37.29 -1.25
CA MET B 323 19.14 -35.92 -0.72
C MET B 323 19.02 -35.84 0.80
N ILE B 324 19.82 -34.98 1.40
CA ILE B 324 19.55 -34.44 2.71
C ILE B 324 19.21 -32.97 2.51
N SER B 325 18.03 -32.56 2.96
CA SER B 325 17.66 -31.14 2.91
C SER B 325 17.49 -30.61 4.33
N LEU B 326 18.00 -29.41 4.57
CA LEU B 326 17.84 -28.75 5.85
C LEU B 326 17.16 -27.41 5.61
N ASN B 327 16.10 -27.17 6.37
CA ASN B 327 15.38 -25.90 6.34
C ASN B 327 15.14 -25.44 7.77
N ILE B 328 14.72 -24.19 7.92
CA ILE B 328 14.47 -23.66 9.24
C ILE B 328 13.43 -24.50 9.98
N ASP B 329 12.37 -24.90 9.28
CA ASP B 329 11.21 -25.57 9.89
C ASP B 329 11.26 -27.09 9.81
N GLU B 330 12.19 -27.64 9.05
CA GLU B 330 12.11 -29.06 8.72
C GLU B 330 13.41 -29.55 8.12
N GLY B 331 13.72 -30.81 8.36
CA GLY B 331 14.83 -31.49 7.70
C GLY B 331 14.32 -32.80 7.13
N ILE B 332 14.85 -33.18 5.97
CA ILE B 332 14.53 -34.46 5.37
CA ILE B 332 14.52 -34.45 5.34
C ILE B 332 15.84 -35.18 5.06
N ILE B 333 16.02 -36.33 5.69
CA ILE B 333 17.26 -37.07 5.62
C ILE B 333 16.93 -38.36 4.88
N PHE B 334 17.18 -38.36 3.57
CA PHE B 334 16.82 -39.48 2.68
C PHE B 334 15.37 -39.94 2.85
N ASN B 335 14.46 -38.97 2.71
CA ASN B 335 13.00 -39.15 2.83
C ASN B 335 12.46 -39.20 4.27
N LYS B 336 13.33 -39.26 5.26
CA LYS B 336 12.89 -39.32 6.66
C LYS B 336 12.83 -37.91 7.25
N VAL B 337 11.62 -37.49 7.62
CA VAL B 337 11.39 -36.15 8.15
C VAL B 337 11.90 -36.02 9.59
N VAL B 338 12.59 -34.91 9.86
CA VAL B 338 13.02 -34.53 11.20
C VAL B 338 12.63 -33.07 11.48
N GLU B 339 12.33 -32.77 12.74
CA GLU B 339 12.00 -31.41 13.16
C GLU B 339 12.97 -30.91 14.23
N ASP B 340 13.20 -31.74 15.24
CA ASP B 340 13.85 -31.30 16.47
C ASP B 340 15.31 -30.90 16.25
N PHE B 341 15.56 -29.86 15.46
CA PHE B 341 16.91 -29.34 15.28
C PHE B 341 16.98 -27.83 14.99
N ASP B 342 18.12 -27.25 15.32
CA ASP B 342 18.42 -25.83 15.10
C ASP B 342 19.15 -25.74 13.76
N PHE B 343 18.47 -25.14 12.78
CA PHE B 343 19.02 -24.97 11.43
C PHE B 343 20.37 -24.24 11.47
N ARG B 344 20.40 -23.10 12.17
CA ARG B 344 21.60 -22.30 12.30
C ARG B 344 22.75 -23.10 12.92
N ALA B 345 22.45 -23.82 14.00
CA ALA B 345 23.43 -24.68 14.69
C ALA B 345 24.07 -25.71 13.76
N VAL B 346 23.25 -26.40 12.98
CA VAL B 346 23.74 -27.44 12.07
C VAL B 346 24.63 -26.82 10.99
N VAL B 347 24.15 -25.76 10.35
CA VAL B 347 24.92 -25.13 9.29
C VAL B 347 26.26 -24.64 9.84
N SER B 348 26.24 -24.09 11.05
CA SER B 348 27.43 -23.55 11.68
C SER B 348 28.43 -24.62 12.15
N SER B 349 28.01 -25.88 12.12
CA SER B 349 28.88 -27.01 12.48
C SER B 349 29.42 -27.79 11.28
N LEU B 350 29.00 -27.42 10.06
CA LEU B 350 29.45 -28.11 8.86
C LEU B 350 30.98 -28.09 8.69
N SER B 351 31.63 -27.02 9.12
CA SER B 351 33.08 -26.90 9.00
CA SER B 351 33.07 -26.91 8.98
C SER B 351 33.83 -27.77 10.01
N GLU B 352 33.10 -28.37 10.97
CA GLU B 352 33.69 -29.31 11.94
C GLU B 352 33.78 -30.72 11.36
N LEU B 353 33.15 -30.96 10.21
CA LEU B 353 33.14 -32.30 9.61
C LEU B 353 34.50 -32.60 8.99
N LYS B 354 34.89 -33.88 8.99
CA LYS B 354 36.23 -34.31 8.53
C LYS B 354 36.19 -35.30 7.38
N GLY B 355 37.21 -35.25 6.53
CA GLY B 355 37.43 -36.21 5.45
C GLY B 355 36.48 -36.12 4.26
N ILE B 356 35.92 -34.94 4.04
CA ILE B 356 34.82 -34.77 3.09
C ILE B 356 35.22 -33.98 1.82
N GLU B 357 36.53 -33.75 1.65
CA GLU B 357 37.08 -32.99 0.52
C GLU B 357 36.71 -33.58 -0.84
N TYR B 358 36.32 -32.72 -1.79
CA TYR B 358 35.97 -33.14 -3.17
C TYR B 358 37.19 -33.02 -4.06
N GLU B 359 37.49 -34.09 -4.79
CA GLU B 359 38.70 -34.14 -5.61
C GLU B 359 38.38 -34.29 -7.09
N GLY B 360 37.16 -33.92 -7.48
CA GLY B 360 36.73 -34.04 -8.87
C GLY B 360 36.74 -32.73 -9.61
N GLN B 361 36.08 -32.73 -10.77
CA GLN B 361 35.98 -31.57 -11.62
C GLN B 361 34.63 -30.88 -11.43
N TYR B 362 34.48 -29.73 -12.06
CA TYR B 362 33.22 -28.99 -12.04
C TYR B 362 32.64 -28.97 -13.45
N ILE B 363 32.30 -27.79 -13.96
CA ILE B 363 31.87 -27.63 -15.33
C ILE B 363 32.71 -26.54 -15.97
N ASP B 364 32.74 -26.51 -17.29
CA ASP B 364 33.59 -25.57 -18.00
C ASP B 364 33.03 -24.15 -17.91
N LYS B 365 33.91 -23.20 -17.62
CA LYS B 365 33.57 -21.78 -17.68
C LYS B 365 33.73 -21.31 -19.12
N GLN B 366 32.61 -20.96 -19.77
CA GLN B 366 32.64 -20.30 -21.07
C GLN B 366 33.12 -18.86 -20.88
N TYR B 367 33.91 -18.37 -21.83
CA TYR B 367 34.36 -16.99 -21.80
C TYR B 367 34.24 -16.34 -23.16
N GLU B 368 33.60 -15.17 -23.18
CA GLU B 368 33.62 -14.28 -24.32
C GLU B 368 33.84 -12.88 -23.78
N GLU B 369 34.85 -12.20 -24.31
CA GLU B 369 35.08 -10.80 -23.98
C GLU B 369 33.93 -9.98 -24.56
N PHE B 370 33.30 -9.13 -23.75
CA PHE B 370 32.26 -8.25 -24.24
C PHE B 370 32.88 -7.06 -24.96
N ILE B 371 32.54 -6.91 -26.23
CA ILE B 371 33.06 -5.82 -27.05
C ILE B 371 31.86 -4.97 -27.48
N PRO B 372 31.73 -3.76 -26.92
CA PRO B 372 30.57 -2.93 -27.27
C PRO B 372 30.65 -2.34 -28.67
N SER B 373 29.50 -2.04 -29.25
CA SER B 373 29.41 -1.30 -30.49
C SER B 373 28.43 -0.15 -30.32
N SER B 374 28.16 0.57 -31.41
CA SER B 374 27.17 1.62 -31.41
C SER B 374 25.74 1.08 -31.53
N ALA B 375 25.59 -0.25 -31.61
CA ALA B 375 24.28 -0.88 -31.73
C ALA B 375 23.37 -0.47 -30.57
N PRO B 376 22.11 -0.11 -30.88
CA PRO B 376 21.13 0.06 -29.83
C PRO B 376 21.10 -1.12 -28.85
N LEU B 377 20.90 -0.78 -27.59
CA LEU B 377 20.92 -1.76 -26.51
C LEU B 377 19.84 -2.81 -26.74
N SER B 378 20.22 -4.08 -26.60
CA SER B 378 19.27 -5.20 -26.60
C SER B 378 19.41 -5.96 -25.29
N GLN B 379 18.39 -6.72 -24.94
CA GLN B 379 18.34 -7.35 -23.62
C GLN B 379 19.52 -8.28 -23.37
N ASP B 380 19.77 -9.24 -24.25
CA ASP B 380 20.83 -10.22 -23.99
C ASP B 380 22.23 -9.57 -23.94
N ARG B 381 22.47 -8.58 -24.80
CA ARG B 381 23.72 -7.83 -24.79
C ARG B 381 23.86 -7.00 -23.51
N LEU B 382 22.76 -6.41 -23.05
CA LEU B 382 22.78 -5.66 -21.80
C LEU B 382 23.33 -6.51 -20.65
N TRP B 383 22.79 -7.72 -20.46
CA TRP B 383 23.20 -8.56 -19.33
C TRP B 383 24.59 -9.13 -19.51
N GLN B 384 24.99 -9.31 -20.77
CA GLN B 384 26.37 -9.66 -21.09
C GLN B 384 27.32 -8.55 -20.62
N ALA B 385 26.95 -7.30 -20.92
CA ALA B 385 27.75 -6.15 -20.51
C ALA B 385 27.83 -6.03 -18.99
N VAL B 386 26.69 -6.22 -18.32
CA VAL B 386 26.65 -6.09 -16.86
C VAL B 386 27.55 -7.15 -16.22
N GLU B 387 27.48 -8.39 -16.72
CA GLU B 387 28.35 -9.44 -16.20
C GLU B 387 29.83 -9.08 -16.36
N SER B 388 30.18 -8.53 -17.52
CA SER B 388 31.57 -8.20 -17.84
CA SER B 388 31.57 -8.19 -17.83
C SER B 388 32.07 -7.04 -16.97
N LEU B 389 31.17 -6.12 -16.62
CA LEU B 389 31.55 -4.90 -15.88
C LEU B 389 31.34 -4.93 -14.36
N THR B 390 30.51 -5.84 -13.85
CA THR B 390 30.29 -5.90 -12.40
CA THR B 390 30.29 -5.89 -12.40
C THR B 390 31.61 -6.15 -11.68
N GLN B 391 31.71 -5.60 -10.46
CA GLN B 391 32.95 -5.66 -9.66
C GLN B 391 32.70 -6.33 -8.32
N SER B 392 33.79 -6.60 -7.60
CA SER B 392 33.71 -7.04 -6.21
C SER B 392 33.07 -5.96 -5.38
N ASN B 393 32.56 -6.36 -4.21
CA ASN B 393 32.02 -5.45 -3.22
C ASN B 393 30.82 -4.64 -3.73
N GLU B 394 29.98 -5.30 -4.54
CA GLU B 394 28.72 -4.71 -5.05
C GLU B 394 27.53 -5.53 -4.59
N THR B 395 26.37 -4.91 -4.52
CA THR B 395 25.11 -5.65 -4.33
C THR B 395 24.20 -5.36 -5.54
N ILE B 396 23.88 -6.40 -6.29
CA ILE B 396 23.01 -6.27 -7.45
C ILE B 396 21.57 -6.53 -7.01
N VAL B 397 20.68 -5.59 -7.29
CA VAL B 397 19.27 -5.69 -6.93
C VAL B 397 18.47 -5.68 -8.23
N ALA B 398 17.60 -6.67 -8.44
CA ALA B 398 16.89 -6.84 -9.71
C ALA B 398 15.39 -7.11 -9.51
N GLU B 399 14.58 -6.32 -10.19
CA GLU B 399 13.13 -6.36 -10.06
C GLU B 399 12.57 -7.41 -10.95
N GLN B 400 11.44 -7.98 -10.53
CA GLN B 400 10.69 -8.92 -11.35
C GLN B 400 10.38 -8.25 -12.68
N GLY B 401 10.49 -9.02 -13.75
CA GLY B 401 10.44 -8.48 -15.11
C GLY B 401 11.72 -8.85 -15.84
N THR B 402 12.03 -8.15 -16.94
CA THR B 402 13.25 -8.47 -17.68
C THR B 402 14.51 -8.35 -16.80
N SER B 403 14.54 -7.41 -15.87
CA SER B 403 15.72 -7.24 -14.99
C SER B 403 16.08 -8.51 -14.22
N PHE B 404 15.09 -9.13 -13.57
CA PHE B 404 15.36 -10.31 -12.76
C PHE B 404 15.81 -11.46 -13.65
N PHE B 405 15.10 -11.63 -14.74
CA PHE B 405 15.40 -12.69 -15.71
C PHE B 405 16.80 -12.58 -16.29
N GLY B 406 17.21 -11.36 -16.57
CA GLY B 406 18.53 -11.10 -17.12
C GLY B 406 19.62 -11.16 -16.07
N ALA B 407 19.42 -10.44 -14.97
CA ALA B 407 20.44 -10.27 -13.93
C ALA B 407 20.69 -11.51 -13.08
N SER B 408 19.66 -12.36 -12.93
CA SER B 408 19.76 -13.52 -12.04
C SER B 408 20.84 -14.52 -12.46
N THR B 409 21.21 -14.58 -13.75
CA THR B 409 22.22 -15.55 -14.20
C THR B 409 23.64 -14.98 -14.35
N ILE B 410 23.83 -13.73 -13.96
CA ILE B 410 25.16 -13.11 -13.97
C ILE B 410 26.00 -13.75 -12.86
N PHE B 411 27.28 -14.02 -13.16
CA PHE B 411 28.20 -14.48 -12.12
C PHE B 411 28.71 -13.30 -11.30
N LEU B 412 28.45 -13.32 -10.00
CA LEU B 412 28.88 -12.25 -9.13
C LEU B 412 30.38 -12.37 -8.81
N LYS B 413 31.03 -11.23 -8.61
CA LYS B 413 32.42 -11.18 -8.19
C LYS B 413 32.53 -11.46 -6.71
N SER B 414 33.77 -11.52 -6.22
CA SER B 414 34.02 -11.79 -4.83
C SER B 414 33.40 -10.73 -3.93
N ASN B 415 32.89 -11.18 -2.78
CA ASN B 415 32.20 -10.33 -1.81
C ASN B 415 31.03 -9.53 -2.39
N SER B 416 30.40 -10.03 -3.44
CA SER B 416 29.26 -9.35 -4.02
C SER B 416 28.00 -10.15 -3.70
N ARG B 417 26.89 -9.42 -3.60
CA ARG B 417 25.62 -9.99 -3.21
C ARG B 417 24.52 -9.65 -4.20
N PHE B 418 23.35 -10.25 -3.98
CA PHE B 418 22.20 -10.10 -4.86
C PHE B 418 20.96 -10.02 -3.99
N ILE B 419 20.03 -9.17 -4.41
CA ILE B 419 18.68 -9.11 -3.86
C ILE B 419 17.66 -9.25 -5.00
N GLY B 420 16.87 -10.29 -4.92
CA GLY B 420 15.69 -10.44 -5.75
C GLY B 420 14.63 -11.12 -4.92
N GLN B 421 13.39 -11.08 -5.40
CA GLN B 421 12.22 -11.50 -4.61
C GLN B 421 11.33 -12.39 -5.47
N PRO B 422 11.88 -13.54 -5.91
CA PRO B 422 11.15 -14.39 -6.86
C PRO B 422 9.93 -15.13 -6.31
N LEU B 423 9.84 -15.32 -4.99
CA LEU B 423 8.66 -16.02 -4.43
C LEU B 423 7.53 -15.02 -4.25
N TRP B 424 7.77 -13.97 -3.46
CA TRP B 424 6.68 -13.03 -3.26
C TRP B 424 6.43 -12.21 -4.54
N GLY B 425 7.49 -11.69 -5.17
CA GLY B 425 7.42 -11.10 -6.49
C GLY B 425 6.57 -9.84 -6.59
N SER B 426 6.71 -8.94 -5.63
CA SER B 426 5.92 -7.71 -5.61
C SER B 426 6.63 -6.58 -6.34
N ILE B 427 6.19 -6.25 -7.54
CA ILE B 427 6.91 -5.23 -8.31
C ILE B 427 6.87 -3.87 -7.60
N GLY B 428 8.00 -3.15 -7.67
CA GLY B 428 8.19 -1.93 -6.92
C GLY B 428 9.06 -2.14 -5.69
N TYR B 429 9.02 -3.34 -5.14
CA TYR B 429 9.79 -3.71 -3.96
C TYR B 429 11.26 -3.24 -4.01
N THR B 430 11.88 -3.46 -5.17
CA THR B 430 13.33 -3.39 -5.25
C THR B 430 13.88 -1.99 -5.08
N PHE B 431 13.08 -0.96 -5.39
CA PHE B 431 13.63 0.42 -5.27
C PHE B 431 13.81 0.80 -3.80
N PRO B 432 12.72 0.78 -2.99
CA PRO B 432 13.01 0.99 -1.56
C PRO B 432 13.92 -0.05 -0.93
N ALA B 433 13.77 -1.32 -1.33
CA ALA B 433 14.66 -2.38 -0.79
C ALA B 433 16.15 -2.11 -1.09
N ALA B 434 16.48 -1.72 -2.32
CA ALA B 434 17.87 -1.34 -2.66
C ALA B 434 18.40 -0.22 -1.75
N LEU B 435 17.58 0.79 -1.52
CA LEU B 435 17.99 1.92 -0.66
C LEU B 435 18.21 1.44 0.77
N GLY B 436 17.32 0.58 1.26
CA GLY B 436 17.45 0.05 2.62
C GLY B 436 18.72 -0.78 2.79
N SER B 437 18.99 -1.65 1.82
CA SER B 437 20.20 -2.47 1.83
C SER B 437 21.44 -1.57 1.74
N GLN B 438 21.33 -0.50 0.96
CA GLN B 438 22.46 0.43 0.76
C GLN B 438 22.78 1.17 2.05
N ILE B 439 21.73 1.56 2.79
CA ILE B 439 21.91 2.13 4.12
C ILE B 439 22.54 1.13 5.10
N ALA B 440 22.13 -0.14 4.98
CA ALA B 440 22.61 -1.20 5.83
C ALA B 440 24.10 -1.46 5.65
N ASP B 441 24.58 -1.45 4.41
CA ASP B 441 26.03 -1.59 4.14
C ASP B 441 26.53 -0.52 3.18
N LYS B 442 27.03 0.57 3.75
CA LYS B 442 27.53 1.70 2.97
C LYS B 442 28.76 1.35 2.15
N GLU B 443 29.41 0.22 2.44
CA GLU B 443 30.62 -0.20 1.74
C GLU B 443 30.39 -1.17 0.58
N SER B 444 29.12 -1.55 0.36
CA SER B 444 28.76 -2.36 -0.80
C SER B 444 28.01 -1.45 -1.77
N ARG B 445 28.57 -1.26 -2.96
CA ARG B 445 27.94 -0.41 -3.97
C ARG B 445 26.75 -1.14 -4.55
N HIS B 446 25.56 -0.58 -4.32
CA HIS B 446 24.34 -1.16 -4.85
C HIS B 446 24.08 -0.71 -6.28
N LEU B 447 23.85 -1.70 -7.13
CA LEU B 447 23.41 -1.52 -8.51
C LEU B 447 22.00 -2.07 -8.61
N LEU B 448 21.05 -1.18 -8.90
CA LEU B 448 19.63 -1.53 -9.02
C LEU B 448 19.23 -1.57 -10.48
N PHE B 449 18.58 -2.67 -10.87
CA PHE B 449 17.96 -2.82 -12.18
C PHE B 449 16.46 -2.97 -11.97
N ILE B 450 15.72 -1.92 -12.33
CA ILE B 450 14.27 -1.86 -12.15
C ILE B 450 13.61 -1.42 -13.43
N GLY B 451 12.51 -2.09 -13.78
CA GLY B 451 11.76 -1.70 -14.96
C GLY B 451 10.93 -0.44 -14.77
N ASP B 452 10.55 0.17 -15.89
CA ASP B 452 9.71 1.38 -15.87
C ASP B 452 8.39 1.15 -15.14
N GLY B 453 7.76 0.02 -15.44
CA GLY B 453 6.47 -0.33 -14.84
C GLY B 453 6.57 -0.42 -13.33
N SER B 454 7.65 -1.03 -12.86
CA SER B 454 7.83 -1.30 -11.43
C SER B 454 8.25 -0.06 -10.66
N LEU B 455 9.11 0.76 -11.26
CA LEU B 455 9.49 2.02 -10.63
C LEU B 455 8.27 2.87 -10.31
N GLN B 456 7.26 2.85 -11.19
CA GLN B 456 6.09 3.68 -10.96
C GLN B 456 5.32 3.35 -9.66
N LEU B 457 5.50 2.15 -9.12
CA LEU B 457 4.83 1.80 -7.84
C LEU B 457 5.43 2.45 -6.59
N THR B 458 6.73 2.78 -6.63
CA THR B 458 7.45 3.14 -5.43
C THR B 458 8.40 4.33 -5.60
N VAL B 459 8.23 5.08 -6.69
CA VAL B 459 9.14 6.17 -7.07
C VAL B 459 9.40 7.22 -5.97
N GLN B 460 8.45 7.42 -5.06
CA GLN B 460 8.56 8.54 -4.10
C GLN B 460 9.72 8.45 -3.11
N GLU B 461 10.37 7.29 -2.95
CA GLU B 461 11.49 7.18 -2.03
C GLU B 461 12.77 7.79 -2.62
N LEU B 462 12.68 8.25 -3.86
CA LEU B 462 13.73 9.09 -4.45
C LEU B 462 14.06 10.30 -3.55
N GLY B 463 13.06 10.90 -2.92
CA GLY B 463 13.32 12.01 -1.98
C GLY B 463 14.21 11.59 -0.81
N LEU B 464 13.89 10.45 -0.20
CA LEU B 464 14.70 9.88 0.88
C LEU B 464 16.15 9.64 0.40
N SER B 465 16.31 9.09 -0.80
CA SER B 465 17.67 8.81 -1.31
C SER B 465 18.53 10.06 -1.42
N ILE B 466 17.90 11.17 -1.81
CA ILE B 466 18.56 12.48 -1.90
C ILE B 466 18.88 13.03 -0.51
N ARG B 467 17.90 13.03 0.38
CA ARG B 467 18.10 13.54 1.74
C ARG B 467 19.20 12.77 2.45
N GLU B 468 19.23 11.45 2.29
CA GLU B 468 20.18 10.60 3.00
C GLU B 468 21.53 10.54 2.29
N LYS B 469 21.61 11.14 1.11
CA LYS B 469 22.84 11.21 0.31
C LYS B 469 23.40 9.82 0.02
N LEU B 470 22.51 8.91 -0.37
CA LEU B 470 22.90 7.57 -0.77
C LEU B 470 23.43 7.60 -2.19
N ASN B 471 24.40 6.74 -2.48
CA ASN B 471 25.08 6.74 -3.78
C ASN B 471 24.93 5.46 -4.58
N PRO B 472 23.70 4.89 -4.64
CA PRO B 472 23.54 3.70 -5.46
C PRO B 472 23.63 4.04 -6.94
N ILE B 473 23.83 3.00 -7.76
CA ILE B 473 23.77 3.13 -9.21
C ILE B 473 22.47 2.50 -9.64
N CYS B 474 21.55 3.32 -10.15
CA CYS B 474 20.20 2.87 -10.52
C CYS B 474 19.99 2.88 -12.03
N PHE B 475 19.57 1.73 -12.55
CA PHE B 475 19.25 1.54 -13.97
C PHE B 475 17.75 1.32 -14.14
N ILE B 476 17.11 2.18 -14.90
CA ILE B 476 15.66 2.10 -15.12
C ILE B 476 15.49 1.63 -16.54
N ILE B 477 14.92 0.44 -16.72
CA ILE B 477 14.72 -0.11 -18.04
C ILE B 477 13.42 0.41 -18.63
N ASN B 478 13.55 1.42 -19.48
CA ASN B 478 12.43 2.00 -20.20
C ASN B 478 12.21 1.22 -21.49
N ASN B 479 11.27 0.28 -21.43
CA ASN B 479 10.87 -0.48 -22.62
C ASN B 479 9.38 -0.24 -22.87
N ASP B 480 8.89 0.93 -22.44
CA ASP B 480 7.55 1.39 -22.79
C ASP B 480 6.49 0.41 -22.33
N GLY B 481 6.55 0.02 -21.05
CA GLY B 481 5.49 -0.80 -20.45
C GLY B 481 5.95 -2.11 -19.83
N TYR B 482 5.00 -3.03 -19.64
CA TYR B 482 5.21 -4.29 -18.92
C TYR B 482 5.65 -5.41 -19.87
N THR B 483 6.93 -5.46 -20.23
CA THR B 483 7.38 -6.42 -21.23
C THR B 483 7.23 -7.88 -20.76
N VAL B 484 7.53 -8.17 -19.50
CA VAL B 484 7.32 -9.53 -18.98
C VAL B 484 5.87 -9.99 -19.15
N GLU B 485 4.92 -9.08 -18.97
CA GLU B 485 3.49 -9.42 -19.14
C GLU B 485 3.17 -9.66 -20.61
N ARG B 486 3.71 -8.80 -21.49
CA ARG B 486 3.55 -8.93 -22.93
C ARG B 486 4.02 -10.30 -23.42
N GLU B 487 5.06 -10.82 -22.78
CA GLU B 487 5.60 -12.17 -23.03
C GLU B 487 4.71 -13.28 -22.47
N ILE B 488 4.01 -13.03 -21.38
CA ILE B 488 3.08 -14.02 -20.83
C ILE B 488 1.80 -14.07 -21.65
N HIS B 489 1.22 -12.90 -21.92
CA HIS B 489 -0.10 -12.79 -22.52
C HIS B 489 -0.44 -11.36 -22.93
N GLY B 490 -1.06 -11.21 -24.11
CA GLY B 490 -1.53 -9.91 -24.58
C GLY B 490 -0.42 -8.92 -24.93
N PRO B 491 0.46 -9.30 -25.87
CA PRO B 491 1.60 -8.43 -26.21
C PRO B 491 1.25 -7.06 -26.72
N THR B 492 0.09 -6.90 -27.35
CA THR B 492 -0.35 -5.60 -27.84
C THR B 492 -1.63 -5.11 -27.15
N GLN B 493 -1.96 -5.71 -26.00
CA GLN B 493 -3.12 -5.27 -25.24
C GLN B 493 -2.80 -3.99 -24.46
N SER B 494 -3.77 -3.10 -24.40
CA SER B 494 -3.57 -1.77 -23.84
C SER B 494 -3.22 -1.81 -22.34
N TYR B 495 -3.61 -2.88 -21.64
CA TYR B 495 -3.31 -2.97 -20.21
C TYR B 495 -1.82 -3.19 -19.93
N ASN B 496 -1.04 -3.57 -20.96
CA ASN B 496 0.42 -3.68 -20.81
C ASN B 496 1.19 -2.41 -21.10
N ASP B 497 0.46 -1.38 -21.55
CA ASP B 497 1.01 -0.04 -21.70
C ASP B 497 0.92 0.74 -20.38
N ILE B 498 1.89 1.63 -20.16
CA ILE B 498 1.90 2.53 -19.01
C ILE B 498 2.18 3.95 -19.47
N PRO B 499 1.75 4.97 -18.69
CA PRO B 499 2.11 6.33 -19.08
C PRO B 499 3.64 6.52 -19.05
N MET B 500 4.24 7.03 -20.12
CA MET B 500 5.70 7.20 -20.14
C MET B 500 6.10 8.48 -19.44
N TRP B 501 6.81 8.32 -18.33
CA TRP B 501 7.36 9.46 -17.65
C TRP B 501 8.71 9.78 -18.26
N ASN B 502 9.20 10.97 -17.97
CA ASN B 502 10.58 11.34 -18.28
C ASN B 502 11.50 10.90 -17.14
N TYR B 503 11.85 9.62 -17.15
CA TYR B 503 12.50 8.98 -15.98
C TYR B 503 13.79 9.67 -15.59
N SER B 504 14.60 10.06 -16.56
CA SER B 504 15.87 10.71 -16.27
C SER B 504 15.74 12.05 -15.53
N LYS B 505 14.56 12.69 -15.62
CA LYS B 505 14.30 13.99 -14.99
C LYS B 505 13.75 13.87 -13.57
N LEU B 506 13.52 12.65 -13.09
CA LEU B 506 12.93 12.50 -11.76
C LEU B 506 13.76 13.08 -10.62
N PRO B 507 15.08 12.78 -10.57
CA PRO B 507 15.86 13.34 -9.45
C PRO B 507 15.80 14.87 -9.34
N GLU B 508 15.95 15.57 -10.46
CA GLU B 508 15.87 17.03 -10.44
C GLU B 508 14.53 17.49 -9.92
N THR B 509 13.46 16.82 -10.35
CA THR B 509 12.11 17.22 -9.97
C THR B 509 11.85 16.94 -8.48
N PHE B 510 12.51 15.90 -7.96
CA PHE B 510 12.42 15.55 -6.54
C PHE B 510 13.46 16.30 -5.68
N GLY B 511 14.17 17.24 -6.28
CA GLY B 511 15.02 18.17 -5.52
C GLY B 511 16.51 17.90 -5.55
N ALA B 512 16.95 16.96 -6.37
CA ALA B 512 18.38 16.61 -6.43
C ALA B 512 19.13 17.69 -7.18
N THR B 513 20.38 17.92 -6.77
CA THR B 513 21.29 18.75 -7.54
C THR B 513 22.36 17.88 -8.19
N GLU B 514 23.14 18.47 -9.09
CA GLU B 514 24.11 17.70 -9.87
C GLU B 514 25.30 17.22 -9.04
N ASP B 515 25.53 17.83 -7.89
CA ASP B 515 26.54 17.34 -6.93
C ASP B 515 26.09 16.08 -6.17
N ARG B 516 24.82 15.72 -6.31
CA ARG B 516 24.20 14.59 -5.58
C ARG B 516 23.86 13.41 -6.51
N VAL B 517 23.09 13.71 -7.56
CA VAL B 517 22.64 12.70 -8.53
C VAL B 517 23.07 13.04 -9.96
N VAL B 518 23.70 12.08 -10.62
CA VAL B 518 24.01 12.18 -12.04
C VAL B 518 22.97 11.42 -12.84
N SER B 519 22.23 12.14 -13.68
CA SER B 519 21.17 11.54 -14.49
C SER B 519 21.57 11.46 -15.96
N LYS B 520 21.24 10.35 -16.60
CA LYS B 520 21.60 10.11 -18.00
C LYS B 520 20.56 9.25 -18.70
N ILE B 521 20.44 9.43 -20.02
CA ILE B 521 19.71 8.49 -20.87
C ILE B 521 20.71 7.73 -21.74
N VAL B 522 20.57 6.41 -21.75
CA VAL B 522 21.51 5.51 -22.46
C VAL B 522 20.76 4.69 -23.51
N ARG B 523 21.22 4.74 -24.76
CA ARG B 523 20.57 4.02 -25.87
C ARG B 523 21.41 2.91 -26.50
N THR B 524 22.74 3.04 -26.49
CA THR B 524 23.61 2.11 -27.23
C THR B 524 24.53 1.34 -26.31
N GLU B 525 25.14 0.28 -26.84
CA GLU B 525 26.09 -0.50 -26.06
C GLU B 525 27.31 0.31 -25.62
N ASN B 526 27.88 1.10 -26.52
CA ASN B 526 29.00 1.99 -26.17
C ASN B 526 28.64 2.94 -25.02
N GLU B 527 27.47 3.57 -25.14
CA GLU B 527 26.98 4.47 -24.10
C GLU B 527 26.81 3.77 -22.76
N PHE B 528 26.30 2.54 -22.81
CA PHE B 528 26.10 1.78 -21.59
C PHE B 528 27.42 1.47 -20.89
N VAL B 529 28.38 0.95 -21.65
CA VAL B 529 29.69 0.63 -21.06
C VAL B 529 30.31 1.89 -20.45
N SER B 530 30.25 2.99 -21.19
CA SER B 530 30.80 4.26 -20.73
C SER B 530 30.17 4.71 -19.41
N VAL B 531 28.84 4.72 -19.36
CA VAL B 531 28.13 5.22 -18.19
C VAL B 531 28.29 4.29 -16.98
N MET B 532 28.26 2.98 -17.19
CA MET B 532 28.40 2.06 -16.06
C MET B 532 29.77 2.19 -15.41
N LYS B 533 30.82 2.25 -16.23
CA LYS B 533 32.19 2.47 -15.74
C LYS B 533 32.30 3.81 -14.99
N GLU B 534 31.71 4.83 -15.60
CA GLU B 534 31.68 6.18 -15.04
C GLU B 534 31.02 6.13 -13.66
N ALA B 535 29.85 5.49 -13.60
CA ALA B 535 29.13 5.33 -12.33
C ALA B 535 29.96 4.62 -11.28
N GLN B 536 30.53 3.47 -11.63
CA GLN B 536 31.34 2.69 -10.69
C GLN B 536 32.57 3.45 -10.17
N ALA B 537 33.12 4.29 -11.04
CA ALA B 537 34.31 5.09 -10.74
C ALA B 537 33.99 6.29 -9.82
N ASP B 538 32.75 6.74 -9.82
CA ASP B 538 32.35 7.89 -9.01
C ASP B 538 31.57 7.40 -7.79
N VAL B 539 32.28 7.08 -6.72
CA VAL B 539 31.66 6.54 -5.50
C VAL B 539 30.90 7.59 -4.66
N ASN B 540 31.04 8.87 -5.02
CA ASN B 540 30.52 9.95 -4.19
C ASN B 540 29.18 10.51 -4.63
N ARG B 541 28.60 9.98 -5.71
CA ARG B 541 27.28 10.40 -6.14
C ARG B 541 26.39 9.22 -6.52
N MET B 542 25.08 9.47 -6.50
CA MET B 542 24.07 8.53 -6.97
C MET B 542 23.94 8.67 -8.49
N TYR B 543 23.73 7.55 -9.17
CA TYR B 543 23.55 7.55 -10.61
C TYR B 543 22.13 7.08 -10.93
N TRP B 544 21.48 7.80 -11.83
CA TRP B 544 20.11 7.55 -12.23
C TRP B 544 20.10 7.45 -13.76
N ILE B 545 20.11 6.22 -14.26
CA ILE B 545 20.39 5.91 -15.66
C ILE B 545 19.18 5.28 -16.32
N GLU B 546 18.54 6.03 -17.21
CA GLU B 546 17.43 5.53 -18.03
C GLU B 546 17.99 4.77 -19.22
N LEU B 547 17.77 3.45 -19.24
CA LEU B 547 18.10 2.60 -20.37
C LEU B 547 16.91 2.47 -21.32
N VAL B 548 17.14 2.69 -22.61
CA VAL B 548 16.08 2.58 -23.61
C VAL B 548 16.22 1.23 -24.33
N LEU B 549 15.19 0.39 -24.17
CA LEU B 549 15.12 -0.91 -24.84
C LEU B 549 13.75 -1.05 -25.50
N GLU B 550 13.63 -1.96 -26.47
CA GLU B 550 12.38 -2.15 -27.19
C GLU B 550 11.39 -2.98 -26.39
N LYS B 551 10.10 -2.66 -26.50
CA LYS B 551 9.06 -3.37 -25.73
C LYS B 551 8.96 -4.86 -26.05
N GLU B 552 9.31 -5.24 -27.28
CA GLU B 552 9.22 -6.62 -27.73
C GLU B 552 10.44 -7.45 -27.34
N ASP B 553 11.47 -6.78 -26.81
CA ASP B 553 12.75 -7.41 -26.50
C ASP B 553 12.74 -8.01 -25.08
N ALA B 554 13.01 -9.30 -24.98
CA ALA B 554 13.09 -10.00 -23.70
C ALA B 554 14.38 -10.80 -23.67
N PRO B 555 14.98 -10.98 -22.48
CA PRO B 555 16.17 -11.82 -22.35
C PRO B 555 15.83 -13.27 -22.64
N LYS B 556 16.80 -14.05 -23.10
CA LYS B 556 16.52 -15.42 -23.55
C LYS B 556 15.83 -16.30 -22.47
N LEU B 557 16.21 -16.14 -21.21
CA LEU B 557 15.54 -16.90 -20.13
C LEU B 557 14.06 -16.58 -20.06
N LEU B 558 13.69 -15.30 -20.25
CA LEU B 558 12.28 -14.87 -20.19
C LEU B 558 11.48 -15.34 -21.39
N LYS B 559 12.13 -15.40 -22.55
CA LYS B 559 11.50 -15.97 -23.74
C LYS B 559 11.04 -17.42 -23.48
N LYS B 560 11.57 -18.05 -22.42
CA LYS B 560 11.14 -19.40 -22.02
C LYS B 560 10.12 -19.37 -20.87
N MET B 561 10.41 -18.65 -19.79
CA MET B 561 9.49 -18.59 -18.65
C MET B 561 8.15 -17.93 -18.99
N GLY B 562 8.18 -16.92 -19.86
CA GLY B 562 6.95 -16.33 -20.35
C GLY B 562 5.95 -17.41 -20.72
N LYS B 563 6.39 -18.38 -21.50
CA LYS B 563 5.49 -19.47 -21.92
C LYS B 563 5.11 -20.38 -20.78
N LEU B 564 6.05 -20.62 -19.87
CA LEU B 564 5.82 -21.58 -18.80
C LEU B 564 4.78 -21.05 -17.81
N PHE B 565 4.82 -19.74 -17.54
CA PHE B 565 3.77 -19.09 -16.74
C PHE B 565 2.43 -19.20 -17.45
N ALA B 566 2.41 -18.88 -18.75
CA ALA B 566 1.19 -18.97 -19.54
C ALA B 566 0.59 -20.36 -19.42
N GLU B 567 1.44 -21.38 -19.47
CA GLU B 567 0.98 -22.76 -19.42
C GLU B 567 0.38 -23.00 -18.05
N GLN B 568 1.06 -22.49 -17.03
CA GLN B 568 0.66 -22.68 -15.64
C GLN B 568 -0.72 -22.09 -15.37
N ASN B 569 -1.11 -21.12 -16.19
CA ASN B 569 -2.40 -20.43 -16.03
C ASN B 569 -3.49 -21.02 -16.91
N LYS B 570 -3.19 -22.13 -17.58
CA LYS B 570 -4.19 -22.84 -18.39
C LYS B 570 -5.08 -23.68 -17.49
MG MG C . 8.96 -2.27 -18.62
N1' TPP D . 1.46 -5.92 -8.95
C2' TPP D . 2.40 -6.21 -7.99
CM2 TPP D . 2.41 -5.44 -6.71
N3' TPP D . 3.30 -7.21 -8.23
C4' TPP D . 3.28 -7.92 -9.41
N4' TPP D . 4.17 -8.90 -9.55
C5' TPP D . 2.35 -7.61 -10.41
C6' TPP D . 1.43 -6.59 -10.16
C7' TPP D . 2.33 -8.37 -11.74
N3 TPP D . 3.51 -8.08 -12.57
C2 TPP D . 4.68 -8.85 -12.64
S1 TPP D . 5.83 -8.32 -13.63
C5 TPP D . 4.89 -7.07 -14.04
C4 TPP D . 3.63 -7.03 -13.42
CM4 TPP D . 2.57 -5.98 -13.64
C6 TPP D . 5.44 -6.11 -15.06
C7 TPP D . 6.69 -5.37 -14.61
O7 TPP D . 6.97 -4.46 -15.67
PA TPP D . 8.39 -3.72 -15.81
O1A TPP D . 8.77 -3.24 -14.41
O2A TPP D . 8.19 -2.58 -16.78
O3A TPP D . 9.41 -4.85 -16.26
PB TPP D . 9.85 -5.26 -17.77
O1B TPP D . 9.48 -6.72 -17.91
O2B TPP D . 11.33 -5.05 -17.87
O3B TPP D . 9.12 -4.37 -18.74
MG MG E . 2.24 19.98 4.41
N1' TPP F . 0.01 7.71 7.29
C2' TPP F . -1.21 7.52 6.70
CM2 TPP F . -1.34 6.50 5.60
N3' TPP F . -2.28 8.26 7.14
C4' TPP F . -2.14 9.18 8.15
N4' TPP F . -3.20 9.85 8.55
C5' TPP F . -0.90 9.40 8.73
C6' TPP F . 0.19 8.64 8.30
C7' TPP F . -0.69 10.43 9.83
N3 TPP F . -0.86 11.78 9.35
C2 TPP F . -2.02 12.56 9.43
S1 TPP F . -1.92 14.04 8.81
C5 TPP F . -0.37 13.79 8.44
C4 TPP F . 0.11 12.53 8.77
CM4 TPP F . 1.53 12.05 8.55
C6 TPP F . 0.41 14.94 7.81
C7 TPP F . -0.15 15.42 6.48
O7 TPP F . 0.70 16.45 6.05
PA TPP F . 0.37 17.34 4.77
O1A TPP F . -0.27 16.51 3.67
O2A TPP F . 1.66 17.99 4.31
O3A TPP F . -0.76 18.35 5.33
PB TPP F . -0.54 19.79 6.04
O1B TPP F . -1.15 19.68 7.40
O2B TPP F . -1.32 20.77 5.20
O3B TPP F . 0.93 20.15 6.07
#